data_2K6U
#
_entry.id   2K6U
#
loop_
_entity.id
_entity.type
_entity.pdbx_description
1 polymer 'Insulin-like 3 A chain'
2 polymer 'Insulin-like 3 B chain'
#
loop_
_entity_poly.entity_id
_entity_poly.type
_entity_poly.pdbx_seq_one_letter_code
_entity_poly.pdbx_strand_id
1 'polypeptide(L)' AAATNPARYCCLSGCTQQDLLTLCPYG A
2 'polypeptide(L)' PTPEMREKLCGHHFVRALVRVCGGPKW B
#
# COMPACT_ATOMS: atom_id res chain seq x y z
N ALA A 1 -3.94 -0.84 9.95
CA ALA A 1 -3.03 -2.02 9.85
C ALA A 1 -3.58 -3.19 10.65
N ALA A 2 -3.25 -4.40 10.21
CA ALA A 2 -3.70 -5.62 10.88
C ALA A 2 -5.22 -5.66 10.99
N ALA A 3 -5.88 -5.84 9.86
CA ALA A 3 -7.34 -5.89 9.82
C ALA A 3 -7.83 -6.88 8.77
N THR A 4 -7.41 -6.67 7.52
CA THR A 4 -7.80 -7.54 6.43
C THR A 4 -6.64 -7.75 5.46
N ASN A 5 -6.89 -8.47 4.37
CA ASN A 5 -5.86 -8.74 3.37
C ASN A 5 -5.12 -7.46 2.98
N PRO A 6 -3.90 -7.58 2.43
CA PRO A 6 -3.08 -6.42 2.03
C PRO A 6 -3.79 -5.47 1.06
N ALA A 7 -3.55 -5.65 -0.24
CA ALA A 7 -4.14 -4.81 -1.27
C ALA A 7 -5.64 -4.63 -1.06
N ARG A 8 -6.33 -5.71 -0.70
CA ARG A 8 -7.76 -5.65 -0.47
C ARG A 8 -8.11 -4.56 0.53
N TYR A 9 -7.33 -4.49 1.61
CA TYR A 9 -7.54 -3.48 2.64
C TYR A 9 -7.22 -2.08 2.10
N CYS A 10 -6.03 -1.96 1.52
CA CYS A 10 -5.57 -0.69 0.97
C CYS A 10 -6.47 -0.19 -0.15
N CYS A 11 -7.38 -1.06 -0.61
CA CYS A 11 -8.30 -0.70 -1.68
C CYS A 11 -9.61 -0.15 -1.12
N LEU A 12 -10.17 -0.85 -0.14
CA LEU A 12 -11.43 -0.44 0.48
C LEU A 12 -11.28 0.87 1.24
N SER A 13 -10.78 0.78 2.47
CA SER A 13 -10.60 1.96 3.32
C SER A 13 -9.50 2.88 2.77
N GLY A 14 -8.28 2.35 2.68
CA GLY A 14 -7.18 3.13 2.18
C GLY A 14 -5.84 2.65 2.69
N CYS A 15 -4.77 3.35 2.30
CA CYS A 15 -3.42 3.01 2.72
C CYS A 15 -2.45 4.14 2.40
N THR A 16 -1.79 4.66 3.42
CA THR A 16 -0.83 5.74 3.25
C THR A 16 0.53 5.18 2.82
N GLN A 17 1.46 6.07 2.50
CA GLN A 17 2.80 5.67 2.10
C GLN A 17 3.41 4.71 3.09
N GLN A 18 3.03 4.86 4.36
CA GLN A 18 3.53 4.00 5.42
C GLN A 18 2.86 2.62 5.36
N ASP A 19 1.54 2.62 5.30
CA ASP A 19 0.79 1.36 5.22
C ASP A 19 1.18 0.61 3.96
N LEU A 20 1.74 1.35 3.02
CA LEU A 20 2.20 0.82 1.76
C LEU A 20 3.64 0.36 1.95
N LEU A 21 4.35 1.16 2.71
CA LEU A 21 5.73 0.89 3.04
C LEU A 21 5.87 -0.47 3.71
N THR A 22 4.82 -0.87 4.41
CA THR A 22 4.82 -2.15 5.12
C THR A 22 4.26 -3.28 4.25
N LEU A 23 4.09 -3.00 2.96
CA LEU A 23 3.58 -4.01 2.02
C LEU A 23 4.36 -4.03 0.71
N CYS A 24 5.34 -3.15 0.57
CA CYS A 24 6.11 -3.11 -0.67
C CYS A 24 7.42 -3.90 -0.63
N PRO A 25 8.32 -3.63 0.34
CA PRO A 25 9.62 -4.32 0.42
C PRO A 25 9.51 -5.75 0.95
N TYR A 26 8.84 -6.61 0.18
CA TYR A 26 8.67 -8.01 0.55
C TYR A 26 8.61 -8.89 -0.69
N GLY A 27 7.70 -8.55 -1.59
CA GLY A 27 7.54 -9.31 -2.82
C GLY A 27 8.15 -8.60 -4.01
N PRO B 1 -6.65 14.51 11.23
CA PRO B 1 -6.31 13.11 11.60
C PRO B 1 -5.00 12.68 10.95
N THR B 2 -3.88 13.02 11.61
CA THR B 2 -2.54 12.68 11.12
C THR B 2 -2.27 13.29 9.74
N PRO B 3 -1.01 13.66 9.46
CA PRO B 3 -0.62 14.25 8.18
C PRO B 3 -0.39 13.22 7.09
N GLU B 4 -1.22 12.20 7.08
CA GLU B 4 -1.11 11.13 6.08
C GLU B 4 -2.30 11.16 5.13
N MET B 5 -2.37 10.18 4.24
CA MET B 5 -3.46 10.09 3.28
C MET B 5 -3.65 8.65 2.81
N ARG B 6 -4.60 7.96 3.42
CA ARG B 6 -4.89 6.56 3.08
C ARG B 6 -5.45 6.45 1.67
N GLU B 7 -4.57 6.28 0.69
CA GLU B 7 -5.01 6.14 -0.69
C GLU B 7 -5.72 4.81 -0.87
N LYS B 8 -6.82 4.83 -1.62
CA LYS B 8 -7.59 3.63 -1.88
C LYS B 8 -6.92 2.79 -2.94
N LEU B 9 -5.65 2.50 -2.69
CA LEU B 9 -4.81 1.72 -3.57
C LEU B 9 -5.44 0.39 -3.91
N CYS B 10 -6.13 0.34 -5.05
CA CYS B 10 -6.80 -0.86 -5.51
C CYS B 10 -6.03 -1.54 -6.64
N GLY B 11 -5.76 -2.84 -6.46
CA GLY B 11 -5.04 -3.60 -7.47
C GLY B 11 -3.74 -2.93 -7.90
N HIS B 12 -3.68 -2.55 -9.17
CA HIS B 12 -2.50 -1.91 -9.73
C HIS B 12 -2.15 -0.61 -8.99
N HIS B 13 -3.17 0.10 -8.53
CA HIS B 13 -2.94 1.35 -7.80
C HIS B 13 -2.00 1.10 -6.63
N PHE B 14 -2.19 -0.02 -5.95
CA PHE B 14 -1.34 -0.38 -4.83
C PHE B 14 0.04 -0.73 -5.35
N VAL B 15 0.12 -1.80 -6.15
CA VAL B 15 1.38 -2.25 -6.73
C VAL B 15 2.22 -1.10 -7.28
N ARG B 16 1.54 -0.03 -7.68
CA ARG B 16 2.22 1.15 -8.20
C ARG B 16 2.76 1.95 -7.04
N ALA B 17 1.87 2.33 -6.13
CA ALA B 17 2.26 3.06 -4.94
C ALA B 17 3.38 2.28 -4.26
N LEU B 18 3.39 0.99 -4.55
CA LEU B 18 4.37 0.08 -4.00
C LEU B 18 5.71 0.38 -4.64
N VAL B 19 5.80 0.09 -5.94
CA VAL B 19 7.00 0.32 -6.72
C VAL B 19 7.56 1.72 -6.50
N ARG B 20 6.77 2.58 -5.86
CA ARG B 20 7.17 3.95 -5.58
C ARG B 20 8.00 4.07 -4.29
N VAL B 21 7.44 3.61 -3.17
CA VAL B 21 8.12 3.73 -1.89
C VAL B 21 9.28 2.76 -1.68
N CYS B 22 9.08 1.48 -2.01
CA CYS B 22 10.15 0.49 -1.83
C CYS B 22 10.88 0.22 -3.14
N GLY B 23 10.21 0.48 -4.25
CA GLY B 23 10.82 0.26 -5.56
C GLY B 23 11.45 -1.12 -5.68
N GLY B 24 10.61 -2.15 -5.76
CA GLY B 24 11.11 -3.51 -5.87
C GLY B 24 11.35 -3.91 -7.31
N PRO B 25 12.13 -4.99 -7.54
CA PRO B 25 12.45 -5.49 -8.87
C PRO B 25 11.39 -6.44 -9.43
N LYS B 26 10.60 -7.05 -8.55
CA LYS B 26 9.56 -7.99 -8.95
C LYS B 26 8.58 -7.33 -9.93
N TRP B 27 7.65 -6.56 -9.38
CA TRP B 27 6.64 -5.87 -10.19
C TRP B 27 7.29 -5.08 -11.33
N ALA A 1 -0.85 -9.34 12.82
CA ALA A 1 -0.04 -9.45 11.59
C ALA A 1 -0.91 -9.58 10.36
N ALA A 2 -2.19 -9.22 10.50
CA ALA A 2 -3.14 -9.30 9.40
C ALA A 2 -4.19 -8.21 9.50
N ALA A 3 -4.81 -7.88 8.37
CA ALA A 3 -5.84 -6.84 8.34
C ALA A 3 -6.69 -6.94 7.08
N THR A 4 -7.63 -7.89 7.09
CA THR A 4 -8.53 -8.11 5.96
C THR A 4 -7.79 -8.06 4.63
N ASN A 5 -6.64 -8.74 4.57
CA ASN A 5 -5.82 -8.78 3.36
C ASN A 5 -5.25 -7.40 3.04
N PRO A 6 -4.00 -7.34 2.54
CA PRO A 6 -3.32 -6.07 2.21
C PRO A 6 -4.09 -5.21 1.22
N ALA A 7 -3.81 -5.41 -0.07
CA ALA A 7 -4.46 -4.66 -1.14
C ALA A 7 -5.97 -4.60 -0.97
N ARG A 8 -6.57 -5.70 -0.56
CA ARG A 8 -8.02 -5.75 -0.37
C ARG A 8 -8.43 -4.67 0.63
N TYR A 9 -7.59 -4.46 1.64
CA TYR A 9 -7.86 -3.45 2.67
C TYR A 9 -7.48 -2.06 2.18
N CYS A 10 -6.34 -1.97 1.51
CA CYS A 10 -5.82 -0.71 1.00
C CYS A 10 -6.66 -0.19 -0.17
N CYS A 11 -7.57 -1.01 -0.67
CA CYS A 11 -8.42 -0.62 -1.79
C CYS A 11 -9.82 -0.29 -1.32
N LEU A 12 -10.31 -1.02 -0.33
CA LEU A 12 -11.65 -0.82 0.21
C LEU A 12 -11.64 0.23 1.31
N SER A 13 -10.46 0.51 1.85
CA SER A 13 -10.31 1.50 2.91
C SER A 13 -9.30 2.57 2.53
N GLY A 14 -8.03 2.18 2.44
CA GLY A 14 -7.00 3.13 2.08
C GLY A 14 -5.70 2.88 2.84
N CYS A 15 -4.58 3.30 2.23
CA CYS A 15 -3.28 3.13 2.86
C CYS A 15 -2.31 4.20 2.42
N THR A 16 -1.60 4.78 3.37
CA THR A 16 -0.64 5.85 3.10
C THR A 16 0.70 5.26 2.66
N GLN A 17 1.69 6.12 2.49
CA GLN A 17 3.02 5.67 2.07
C GLN A 17 3.60 4.73 3.11
N GLN A 18 3.26 4.96 4.38
CA GLN A 18 3.75 4.12 5.47
C GLN A 18 3.01 2.79 5.49
N ASP A 19 1.68 2.84 5.41
CA ASP A 19 0.88 1.63 5.42
C ASP A 19 1.25 0.75 4.24
N LEU A 20 1.93 1.36 3.27
CA LEU A 20 2.39 0.71 2.10
C LEU A 20 3.82 0.24 2.33
N LEU A 21 4.57 1.11 2.96
CA LEU A 21 5.96 0.89 3.32
C LEU A 21 6.13 -0.50 3.96
N THR A 22 5.14 -0.93 4.71
CA THR A 22 5.19 -2.21 5.40
C THR A 22 4.90 -3.39 4.47
N LEU A 23 4.14 -3.15 3.41
CA LEU A 23 3.82 -4.23 2.46
C LEU A 23 4.91 -4.37 1.40
N CYS A 24 5.81 -3.39 1.33
CA CYS A 24 6.91 -3.42 0.37
C CYS A 24 7.52 -4.82 0.23
N PRO A 25 7.88 -5.48 1.35
CA PRO A 25 8.48 -6.82 1.31
C PRO A 25 7.46 -7.95 1.28
N TYR A 26 6.34 -7.75 0.59
CA TYR A 26 5.32 -8.79 0.50
C TYR A 26 5.48 -9.58 -0.80
N GLY A 27 5.73 -8.86 -1.89
CA GLY A 27 5.91 -9.50 -3.18
C GLY A 27 7.29 -9.27 -3.75
N PRO B 1 1.62 15.17 12.50
CA PRO B 1 0.41 14.30 12.46
C PRO B 1 -0.60 14.83 11.45
N THR B 2 -0.12 15.55 10.45
CA THR B 2 -0.97 16.12 9.41
C THR B 2 -1.62 15.00 8.58
N PRO B 3 -2.81 15.28 8.01
CA PRO B 3 -3.53 14.31 7.19
C PRO B 3 -2.61 13.54 6.24
N GLU B 4 -2.49 12.23 6.48
CA GLU B 4 -1.63 11.39 5.65
C GLU B 4 -2.31 11.04 4.34
N MET B 5 -3.62 11.27 4.32
CA MET B 5 -4.43 10.99 3.13
C MET B 5 -4.03 9.67 2.47
N ARG B 6 -4.63 8.58 2.92
CA ARG B 6 -4.32 7.26 2.37
C ARG B 6 -5.14 6.99 1.11
N GLU B 7 -4.48 6.53 0.07
CA GLU B 7 -5.13 6.23 -1.20
C GLU B 7 -5.75 4.84 -1.19
N LYS B 8 -6.83 4.66 -1.93
CA LYS B 8 -7.52 3.39 -2.01
C LYS B 8 -6.80 2.48 -3.01
N LEU B 9 -5.52 2.31 -2.76
CA LEU B 9 -4.65 1.48 -3.60
C LEU B 9 -5.25 0.09 -3.82
N CYS B 10 -5.42 -0.28 -5.08
CA CYS B 10 -5.99 -1.56 -5.44
C CYS B 10 -4.98 -2.46 -6.17
N GLY B 11 -5.49 -3.46 -6.88
CA GLY B 11 -4.63 -4.37 -7.61
C GLY B 11 -3.60 -3.68 -8.49
N HIS B 12 -3.90 -2.45 -8.90
CA HIS B 12 -2.97 -1.71 -9.76
C HIS B 12 -2.37 -0.51 -9.03
N HIS B 13 -3.22 0.37 -8.53
CA HIS B 13 -2.76 1.56 -7.81
C HIS B 13 -1.86 1.18 -6.65
N PHE B 14 -2.05 -0.01 -6.09
CA PHE B 14 -1.20 -0.44 -5.00
C PHE B 14 0.12 -0.94 -5.56
N VAL B 15 0.05 -1.74 -6.60
CA VAL B 15 1.26 -2.24 -7.27
C VAL B 15 2.08 -1.04 -7.73
N ARG B 16 1.38 0.08 -7.87
CA ARG B 16 1.99 1.34 -8.28
C ARG B 16 2.62 2.02 -7.07
N ALA B 17 1.81 2.32 -6.07
CA ALA B 17 2.30 2.94 -4.85
C ALA B 17 3.47 2.13 -4.33
N LEU B 18 3.38 0.83 -4.54
CA LEU B 18 4.40 -0.11 -4.14
C LEU B 18 5.71 0.23 -4.85
N VAL B 19 5.66 0.22 -6.18
CA VAL B 19 6.82 0.51 -7.02
C VAL B 19 7.41 1.90 -6.70
N ARG B 20 6.64 2.71 -5.97
CA ARG B 20 7.08 4.05 -5.61
C ARG B 20 8.02 4.06 -4.39
N VAL B 21 7.46 3.73 -3.22
CA VAL B 21 8.26 3.74 -1.97
C VAL B 21 9.00 2.44 -1.76
N CYS B 22 8.50 1.36 -2.35
CA CYS B 22 9.11 0.05 -2.20
C CYS B 22 10.07 -0.27 -3.33
N GLY B 23 9.77 0.22 -4.54
CA GLY B 23 10.63 -0.03 -5.69
C GLY B 23 11.18 -1.44 -5.73
N GLY B 24 10.33 -2.41 -5.43
CA GLY B 24 10.74 -3.81 -5.43
C GLY B 24 11.15 -4.30 -6.80
N PRO B 25 11.71 -5.52 -6.90
CA PRO B 25 12.16 -6.10 -8.16
C PRO B 25 10.99 -6.62 -9.00
N LYS B 26 9.89 -6.97 -8.35
CA LYS B 26 8.71 -7.49 -9.03
C LYS B 26 8.09 -6.41 -9.92
N TRP B 27 7.35 -5.50 -9.29
CA TRP B 27 6.70 -4.41 -10.01
C TRP B 27 7.72 -3.56 -10.75
N ALA A 1 -2.41 -8.12 15.83
CA ALA A 1 -1.22 -8.54 15.05
C ALA A 1 -1.63 -9.29 13.79
N ALA A 2 -2.77 -8.89 13.22
CA ALA A 2 -3.27 -9.53 12.01
C ALA A 2 -4.14 -8.56 11.20
N ALA A 3 -3.64 -8.16 10.03
CA ALA A 3 -4.37 -7.23 9.17
C ALA A 3 -5.30 -7.98 8.22
N THR A 4 -6.31 -7.28 7.73
CA THR A 4 -7.28 -7.87 6.81
C THR A 4 -6.79 -7.80 5.37
N ASN A 5 -5.70 -8.54 5.09
CA ASN A 5 -5.12 -8.56 3.75
C ASN A 5 -4.61 -7.16 3.35
N PRO A 6 -3.67 -7.09 2.40
CA PRO A 6 -3.10 -5.81 1.96
C PRO A 6 -4.02 -5.02 1.03
N ALA A 7 -3.98 -5.36 -0.26
CA ALA A 7 -4.78 -4.67 -1.27
C ALA A 7 -6.27 -4.73 -0.97
N ARG A 8 -6.71 -5.78 -0.28
CA ARG A 8 -8.11 -5.91 0.08
C ARG A 8 -8.50 -4.84 1.07
N TYR A 9 -7.50 -4.37 1.81
CA TYR A 9 -7.68 -3.32 2.80
C TYR A 9 -7.32 -1.96 2.21
N CYS A 10 -6.51 -1.99 1.15
CA CYS A 10 -6.07 -0.78 0.48
C CYS A 10 -7.02 -0.36 -0.63
N CYS A 11 -7.92 -1.26 -1.00
CA CYS A 11 -8.87 -0.98 -2.07
C CYS A 11 -10.22 -0.53 -1.51
N LEU A 12 -10.39 -0.67 -0.20
CA LEU A 12 -11.64 -0.27 0.44
C LEU A 12 -11.48 1.04 1.22
N SER A 13 -10.71 0.98 2.30
CA SER A 13 -10.50 2.16 3.14
C SER A 13 -9.37 3.02 2.60
N GLY A 14 -8.20 2.43 2.41
CA GLY A 14 -7.06 3.18 1.90
C GLY A 14 -5.80 2.89 2.70
N CYS A 15 -4.65 3.23 2.13
CA CYS A 15 -3.37 3.01 2.81
C CYS A 15 -2.35 4.09 2.44
N THR A 16 -1.72 4.65 3.47
CA THR A 16 -0.73 5.70 3.28
C THR A 16 0.58 5.11 2.77
N GLN A 17 1.57 5.97 2.61
CA GLN A 17 2.88 5.55 2.14
C GLN A 17 3.52 4.59 3.12
N GLN A 18 3.27 4.82 4.40
CA GLN A 18 3.81 3.97 5.46
C GLN A 18 3.05 2.66 5.56
N ASP A 19 1.75 2.72 5.28
CA ASP A 19 0.89 1.54 5.35
C ASP A 19 1.18 0.65 4.15
N LEU A 20 1.87 1.25 3.19
CA LEU A 20 2.26 0.60 1.99
C LEU A 20 3.68 0.07 2.20
N LEU A 21 4.49 0.94 2.78
CA LEU A 21 5.88 0.67 3.11
C LEU A 21 6.02 -0.72 3.72
N THR A 22 5.15 -1.03 4.67
CA THR A 22 5.19 -2.31 5.36
C THR A 22 5.18 -3.48 4.40
N LEU A 23 4.29 -3.45 3.42
CA LEU A 23 4.23 -4.54 2.44
C LEU A 23 5.55 -4.66 1.71
N CYS A 24 5.92 -3.63 0.96
CA CYS A 24 7.17 -3.63 0.22
C CYS A 24 7.28 -4.86 -0.69
N PRO A 25 8.36 -4.99 -1.50
CA PRO A 25 8.52 -6.14 -2.41
C PRO A 25 8.41 -7.48 -1.71
N TYR A 26 7.18 -7.96 -1.56
CA TYR A 26 6.93 -9.25 -0.93
C TYR A 26 7.39 -10.36 -1.85
N GLY A 27 7.67 -9.98 -3.10
CA GLY A 27 8.14 -10.90 -4.10
C GLY A 27 9.07 -10.23 -5.09
N PRO B 1 4.23 16.35 12.49
CA PRO B 1 2.88 16.14 11.91
C PRO B 1 2.93 16.02 10.39
N THR B 2 2.17 15.09 9.84
CA THR B 2 2.13 14.86 8.40
C THR B 2 0.77 14.34 7.96
N PRO B 3 0.28 14.78 6.78
CA PRO B 3 -1.01 14.34 6.25
C PRO B 3 -1.02 12.86 5.92
N GLU B 4 -1.82 12.09 6.66
CA GLU B 4 -1.93 10.65 6.44
C GLU B 4 -2.94 10.33 5.36
N MET B 5 -2.96 11.13 4.30
CA MET B 5 -3.88 10.91 3.19
C MET B 5 -3.57 9.58 2.52
N ARG B 6 -4.32 8.55 2.88
CA ARG B 6 -4.12 7.22 2.32
C ARG B 6 -4.83 7.06 0.98
N GLU B 7 -4.07 6.64 -0.03
CA GLU B 7 -4.62 6.43 -1.36
C GLU B 7 -5.17 5.02 -1.50
N LYS B 8 -6.32 4.90 -2.14
CA LYS B 8 -6.92 3.59 -2.36
C LYS B 8 -6.08 2.81 -3.35
N LEU B 9 -5.29 1.90 -2.80
CA LEU B 9 -4.40 1.08 -3.59
C LEU B 9 -5.06 -0.25 -3.93
N CYS B 10 -5.82 -0.25 -5.02
CA CYS B 10 -6.54 -1.44 -5.46
C CYS B 10 -5.78 -2.18 -6.55
N GLY B 11 -5.12 -3.27 -6.17
CA GLY B 11 -4.36 -4.06 -7.13
C GLY B 11 -3.26 -3.28 -7.81
N HIS B 12 -3.53 -2.83 -9.03
CA HIS B 12 -2.54 -2.08 -9.81
C HIS B 12 -2.09 -0.83 -9.06
N HIS B 13 -3.03 -0.12 -8.43
CA HIS B 13 -2.70 1.09 -7.68
C HIS B 13 -1.77 0.77 -6.53
N PHE B 14 -1.87 -0.45 -6.00
CA PHE B 14 -1.00 -0.84 -4.91
C PHE B 14 0.38 -1.18 -5.47
N VAL B 15 0.39 -1.97 -6.54
CA VAL B 15 1.64 -2.32 -7.20
C VAL B 15 2.34 -1.05 -7.65
N ARG B 16 1.54 0.00 -7.82
CA ARG B 16 2.02 1.31 -8.21
C ARG B 16 2.62 2.03 -7.01
N ALA B 17 1.78 2.30 -6.03
CA ALA B 17 2.23 2.96 -4.80
C ALA B 17 3.48 2.24 -4.30
N LEU B 18 3.51 0.93 -4.53
CA LEU B 18 4.61 0.11 -4.15
C LEU B 18 5.89 0.56 -4.85
N VAL B 19 5.84 0.60 -6.18
CA VAL B 19 6.96 1.01 -7.01
C VAL B 19 7.47 2.40 -6.59
N ARG B 20 6.62 3.16 -5.90
CA ARG B 20 6.98 4.49 -5.46
C ARG B 20 7.90 4.49 -4.24
N VAL B 21 7.43 3.89 -3.15
CA VAL B 21 8.20 3.83 -1.90
C VAL B 21 9.02 2.56 -1.79
N CYS B 22 8.44 1.44 -2.16
CA CYS B 22 9.11 0.16 -2.09
C CYS B 22 9.49 -0.38 -3.47
N GLY B 23 10.39 0.34 -4.14
CA GLY B 23 10.84 -0.08 -5.46
C GLY B 23 11.31 -1.53 -5.47
N GLY B 24 10.80 -2.30 -6.43
CA GLY B 24 11.16 -3.70 -6.54
C GLY B 24 11.52 -4.11 -7.96
N PRO B 25 12.06 -5.32 -8.15
CA PRO B 25 12.44 -5.82 -9.46
C PRO B 25 11.25 -6.40 -10.23
N LYS B 26 10.13 -6.54 -9.52
CA LYS B 26 8.91 -7.09 -10.12
C LYS B 26 8.13 -5.99 -10.85
N TRP B 27 7.58 -5.06 -10.08
CA TRP B 27 6.81 -3.95 -10.63
C TRP B 27 7.70 -2.98 -11.39
N ALA A 1 2.76 -3.56 10.00
CA ALA A 1 1.48 -4.24 10.28
C ALA A 1 0.40 -3.81 9.29
N ALA A 2 -0.61 -4.66 9.12
CA ALA A 2 -1.71 -4.37 8.20
C ALA A 2 -2.92 -5.25 8.50
N ALA A 3 -4.02 -4.62 8.89
CA ALA A 3 -5.25 -5.34 9.21
C ALA A 3 -5.85 -5.98 7.96
N THR A 4 -6.45 -7.14 8.13
CA THR A 4 -7.07 -7.87 7.03
C THR A 4 -6.09 -8.05 5.87
N ASN A 5 -6.61 -8.38 4.69
CA ASN A 5 -5.78 -8.58 3.51
C ASN A 5 -5.12 -7.27 3.09
N PRO A 6 -3.93 -7.34 2.45
CA PRO A 6 -3.19 -6.16 1.99
C PRO A 6 -3.96 -5.31 0.97
N ALA A 7 -3.62 -5.47 -0.30
CA ALA A 7 -4.26 -4.71 -1.38
C ALA A 7 -5.76 -4.58 -1.18
N ARG A 8 -6.40 -5.66 -0.75
CA ARG A 8 -7.84 -5.65 -0.50
C ARG A 8 -8.21 -4.51 0.43
N TYR A 9 -7.54 -4.44 1.57
CA TYR A 9 -7.80 -3.37 2.54
C TYR A 9 -7.33 -2.02 1.99
N CYS A 10 -6.18 -2.02 1.34
CA CYS A 10 -5.61 -0.80 0.77
C CYS A 10 -6.58 -0.16 -0.22
N CYS A 11 -7.54 -0.94 -0.69
CA CYS A 11 -8.52 -0.44 -1.65
C CYS A 11 -9.87 -0.19 -0.97
N LEU A 12 -10.15 -0.95 0.08
CA LEU A 12 -11.41 -0.81 0.81
C LEU A 12 -11.52 0.52 1.54
N SER A 13 -10.62 0.74 2.50
CA SER A 13 -10.63 1.97 3.28
C SER A 13 -9.42 2.85 2.95
N GLY A 14 -8.41 2.26 2.31
CA GLY A 14 -7.22 3.01 1.96
C GLY A 14 -6.06 2.75 2.91
N CYS A 15 -4.84 3.01 2.45
CA CYS A 15 -3.65 2.82 3.26
C CYS A 15 -2.60 3.86 2.92
N THR A 16 -2.04 4.48 3.95
CA THR A 16 -1.04 5.52 3.78
C THR A 16 0.26 4.99 3.17
N GLN A 17 1.12 5.92 2.77
CA GLN A 17 2.41 5.57 2.17
C GLN A 17 3.22 4.70 3.11
N GLN A 18 3.04 4.90 4.40
CA GLN A 18 3.74 4.11 5.40
C GLN A 18 3.16 2.70 5.48
N ASP A 19 1.84 2.61 5.37
CA ASP A 19 1.17 1.31 5.41
C ASP A 19 1.49 0.54 4.15
N LEU A 20 1.81 1.27 3.10
CA LEU A 20 2.16 0.72 1.82
C LEU A 20 3.63 0.32 1.86
N LEU A 21 4.36 1.16 2.55
CA LEU A 21 5.79 1.00 2.75
C LEU A 21 6.10 -0.29 3.52
N THR A 22 5.38 -0.49 4.62
CA THR A 22 5.58 -1.65 5.48
C THR A 22 5.12 -2.95 4.83
N LEU A 23 4.25 -2.85 3.83
CA LEU A 23 3.76 -4.06 3.16
C LEU A 23 4.81 -4.68 2.27
N CYS A 24 5.47 -3.86 1.44
CA CYS A 24 6.51 -4.32 0.52
C CYS A 24 7.16 -5.66 0.91
N PRO A 25 7.71 -5.78 2.14
CA PRO A 25 8.36 -7.02 2.61
C PRO A 25 7.53 -8.29 2.35
N TYR A 26 6.30 -8.13 1.87
CA TYR A 26 5.44 -9.28 1.59
C TYR A 26 5.80 -9.92 0.26
N GLY A 27 6.13 -9.08 -0.73
CA GLY A 27 6.50 -9.57 -2.04
C GLY A 27 7.33 -8.58 -2.82
N PRO B 1 0.23 14.48 17.30
CA PRO B 1 -0.87 15.07 16.50
C PRO B 1 -0.48 15.18 15.03
N THR B 2 -1.05 14.29 14.20
CA THR B 2 -0.76 14.29 12.78
C THR B 2 -1.86 13.57 11.99
N PRO B 3 -2.19 14.07 10.78
CA PRO B 3 -3.22 13.48 9.94
C PRO B 3 -2.67 12.37 9.06
N GLU B 4 -3.56 11.56 8.49
CA GLU B 4 -3.16 10.45 7.63
C GLU B 4 -3.97 10.42 6.34
N MET B 5 -3.29 10.70 5.23
CA MET B 5 -3.93 10.69 3.91
C MET B 5 -3.65 9.39 3.19
N ARG B 6 -4.54 8.42 3.36
CA ARG B 6 -4.39 7.11 2.73
C ARG B 6 -5.18 7.02 1.43
N GLU B 7 -4.57 6.43 0.42
CA GLU B 7 -5.21 6.25 -0.87
C GLU B 7 -5.81 4.86 -0.97
N LYS B 8 -6.87 4.72 -1.76
CA LYS B 8 -7.54 3.44 -1.95
C LYS B 8 -6.77 2.58 -2.94
N LEU B 9 -5.50 2.39 -2.63
CA LEU B 9 -4.59 1.60 -3.45
C LEU B 9 -5.17 0.22 -3.75
N CYS B 10 -5.76 0.09 -4.93
CA CYS B 10 -6.35 -1.17 -5.35
C CYS B 10 -5.33 -2.06 -6.07
N GLY B 11 -5.82 -2.94 -6.94
CA GLY B 11 -4.96 -3.85 -7.68
C GLY B 11 -3.62 -3.27 -8.09
N HIS B 12 -3.60 -2.59 -9.24
CA HIS B 12 -2.37 -2.00 -9.76
C HIS B 12 -1.98 -0.72 -9.03
N HIS B 13 -2.96 -0.03 -8.45
CA HIS B 13 -2.68 1.21 -7.73
C HIS B 13 -1.74 0.97 -6.56
N PHE B 14 -1.99 -0.10 -5.81
CA PHE B 14 -1.14 -0.42 -4.67
C PHE B 14 0.22 -0.89 -5.16
N VAL B 15 0.22 -1.72 -6.19
CA VAL B 15 1.46 -2.23 -6.77
C VAL B 15 2.30 -1.07 -7.30
N ARG B 16 1.61 -0.02 -7.70
CA ARG B 16 2.24 1.18 -8.20
C ARG B 16 2.81 1.99 -7.04
N ALA B 17 1.92 2.36 -6.13
CA ALA B 17 2.31 3.09 -4.94
C ALA B 17 3.41 2.33 -4.24
N LEU B 18 3.44 1.02 -4.51
CA LEU B 18 4.43 0.11 -3.94
C LEU B 18 5.77 0.30 -4.65
N VAL B 19 5.75 0.17 -5.96
CA VAL B 19 6.93 0.33 -6.76
C VAL B 19 7.52 1.73 -6.58
N ARG B 20 6.76 2.58 -5.87
CA ARG B 20 7.17 3.95 -5.59
C ARG B 20 7.96 4.05 -4.29
N VAL B 21 7.37 3.57 -3.19
CA VAL B 21 8.01 3.64 -1.89
C VAL B 21 9.01 2.50 -1.65
N CYS B 22 8.66 1.32 -2.11
CA CYS B 22 9.52 0.15 -1.94
C CYS B 22 10.27 -0.18 -3.22
N GLY B 23 9.70 0.19 -4.36
CA GLY B 23 10.35 -0.08 -5.64
C GLY B 23 10.95 -1.48 -5.71
N GLY B 24 10.15 -2.47 -5.33
CA GLY B 24 10.61 -3.85 -5.36
C GLY B 24 10.98 -4.32 -6.75
N PRO B 25 11.66 -5.47 -6.87
CA PRO B 25 12.08 -6.03 -8.15
C PRO B 25 11.06 -6.99 -8.76
N LYS B 26 10.03 -7.34 -8.00
CA LYS B 26 9.00 -8.26 -8.47
C LYS B 26 8.10 -7.58 -9.51
N TRP B 27 7.26 -6.66 -9.06
CA TRP B 27 6.35 -5.93 -9.94
C TRP B 27 7.11 -5.27 -11.08
N ALA A 1 2.48 -4.36 12.70
CA ALA A 1 1.07 -3.98 12.44
C ALA A 1 0.46 -4.85 11.35
N ALA A 2 -0.70 -5.43 11.65
CA ALA A 2 -1.39 -6.30 10.70
C ALA A 2 -2.90 -6.29 10.94
N ALA A 3 -3.65 -5.92 9.91
CA ALA A 3 -5.11 -5.87 10.00
C ALA A 3 -5.75 -7.07 9.31
N THR A 4 -5.76 -7.04 7.98
CA THR A 4 -6.35 -8.12 7.20
C THR A 4 -5.41 -8.56 6.07
N ASN A 5 -5.36 -7.78 5.00
CA ASN A 5 -4.51 -8.09 3.86
C ASN A 5 -4.04 -6.82 3.16
N PRO A 6 -2.91 -6.89 2.42
CA PRO A 6 -2.35 -5.73 1.70
C PRO A 6 -3.36 -5.05 0.77
N ALA A 7 -3.29 -5.39 -0.52
CA ALA A 7 -4.17 -4.82 -1.54
C ALA A 7 -5.63 -4.81 -1.08
N ARG A 8 -6.05 -5.89 -0.43
CA ARG A 8 -7.43 -6.01 0.04
C ARG A 8 -7.79 -4.84 0.95
N TYR A 9 -6.91 -4.53 1.89
CA TYR A 9 -7.14 -3.42 2.82
C TYR A 9 -7.17 -2.08 2.10
N CYS A 10 -6.13 -1.82 1.31
CA CYS A 10 -6.03 -0.55 0.58
C CYS A 10 -7.20 -0.38 -0.39
N CYS A 11 -7.81 -1.50 -0.79
CA CYS A 11 -8.94 -1.47 -1.72
C CYS A 11 -10.24 -1.16 -1.00
N LEU A 12 -10.13 -0.76 0.26
CA LEU A 12 -11.31 -0.44 1.07
C LEU A 12 -11.24 0.96 1.66
N SER A 13 -10.22 1.22 2.47
CA SER A 13 -10.08 2.54 3.10
C SER A 13 -8.80 3.25 2.67
N GLY A 14 -8.05 2.63 1.75
CA GLY A 14 -6.82 3.25 1.28
C GLY A 14 -5.65 2.98 2.20
N CYS A 15 -4.48 3.52 1.87
CA CYS A 15 -3.30 3.33 2.69
C CYS A 15 -2.20 4.32 2.30
N THR A 16 -1.66 5.00 3.31
CA THR A 16 -0.61 6.00 3.09
C THR A 16 0.73 5.35 2.80
N GLN A 17 1.78 6.16 2.74
CA GLN A 17 3.13 5.68 2.47
C GLN A 17 3.60 4.74 3.56
N GLN A 18 3.15 4.98 4.78
CA GLN A 18 3.51 4.14 5.92
C GLN A 18 2.77 2.81 5.88
N ASP A 19 1.46 2.89 5.62
CA ASP A 19 0.64 1.70 5.52
C ASP A 19 1.12 0.84 4.36
N LEU A 20 1.73 1.49 3.38
CA LEU A 20 2.27 0.84 2.22
C LEU A 20 3.65 0.32 2.53
N LEU A 21 4.36 1.09 3.34
CA LEU A 21 5.69 0.73 3.80
C LEU A 21 5.69 -0.70 4.33
N THR A 22 4.64 -1.04 5.07
CA THR A 22 4.48 -2.38 5.62
C THR A 22 4.17 -3.38 4.51
N LEU A 23 3.67 -2.86 3.40
CA LEU A 23 3.33 -3.69 2.26
C LEU A 23 4.48 -3.78 1.27
N CYS A 24 5.56 -3.09 1.61
CA CYS A 24 6.76 -3.09 0.78
C CYS A 24 7.54 -4.41 0.90
N PRO A 25 7.78 -4.90 2.13
CA PRO A 25 8.53 -6.15 2.34
C PRO A 25 7.67 -7.39 2.16
N TYR A 26 7.34 -7.71 0.91
CA TYR A 26 6.54 -8.88 0.59
C TYR A 26 6.46 -9.08 -0.92
N GLY A 27 6.57 -10.33 -1.36
CA GLY A 27 6.52 -10.63 -2.78
C GLY A 27 7.72 -10.09 -3.52
N PRO B 1 1.31 20.13 12.04
CA PRO B 1 0.66 18.84 11.69
C PRO B 1 0.19 18.83 10.25
N THR B 2 0.23 17.66 9.62
CA THR B 2 -0.19 17.52 8.23
C THR B 2 -1.05 16.25 8.04
N PRO B 3 -2.06 16.31 7.17
CA PRO B 3 -2.95 15.17 6.92
C PRO B 3 -2.29 14.11 6.02
N GLU B 4 -2.68 12.86 6.23
CA GLU B 4 -2.13 11.76 5.44
C GLU B 4 -3.15 11.22 4.45
N MET B 5 -3.10 11.73 3.23
CA MET B 5 -4.03 11.30 2.18
C MET B 5 -3.62 9.93 1.64
N ARG B 6 -4.35 8.90 2.06
CA ARG B 6 -4.06 7.54 1.61
C ARG B 6 -4.72 7.25 0.28
N GLU B 7 -3.94 6.74 -0.67
CA GLU B 7 -4.46 6.41 -1.99
C GLU B 7 -5.07 5.02 -1.98
N LYS B 8 -6.32 4.90 -2.42
CA LYS B 8 -6.97 3.62 -2.47
C LYS B 8 -6.29 2.73 -3.49
N LEU B 9 -5.70 1.66 -3.00
CA LEU B 9 -4.98 0.73 -3.84
C LEU B 9 -5.71 -0.60 -3.95
N CYS B 10 -5.77 -1.14 -5.16
CA CYS B 10 -6.46 -2.41 -5.40
C CYS B 10 -5.76 -3.22 -6.49
N GLY B 11 -5.82 -2.72 -7.71
CA GLY B 11 -5.18 -3.40 -8.83
C GLY B 11 -3.84 -2.79 -9.16
N HIS B 12 -3.80 -2.01 -10.24
CA HIS B 12 -2.56 -1.35 -10.65
C HIS B 12 -2.20 -0.23 -9.68
N HIS B 13 -3.21 0.23 -8.92
CA HIS B 13 -2.99 1.28 -7.94
C HIS B 13 -2.01 0.82 -6.87
N PHE B 14 -2.22 -0.40 -6.37
CA PHE B 14 -1.33 -0.96 -5.37
C PHE B 14 0.05 -1.12 -5.97
N VAL B 15 0.19 -2.06 -6.89
CA VAL B 15 1.47 -2.32 -7.57
C VAL B 15 2.24 -1.03 -7.85
N ARG B 16 1.53 0.04 -8.20
CA ARG B 16 2.17 1.31 -8.49
C ARG B 16 2.71 1.93 -7.21
N ALA B 17 1.80 2.27 -6.29
CA ALA B 17 2.20 2.84 -5.02
C ALA B 17 3.35 2.01 -4.43
N LEU B 18 3.26 0.72 -4.67
CA LEU B 18 4.26 -0.23 -4.23
C LEU B 18 5.61 0.13 -4.85
N VAL B 19 5.66 0.04 -6.19
CA VAL B 19 6.86 0.35 -6.95
C VAL B 19 7.41 1.74 -6.61
N ARG B 20 6.63 2.53 -5.90
CA ARG B 20 7.04 3.89 -5.52
C ARG B 20 7.94 3.87 -4.29
N VAL B 21 7.35 3.60 -3.13
CA VAL B 21 8.09 3.57 -1.87
C VAL B 21 8.73 2.20 -1.62
N CYS B 22 8.08 1.17 -2.13
CA CYS B 22 8.56 -0.20 -1.95
C CYS B 22 9.54 -0.58 -3.06
N GLY B 23 9.28 -0.11 -4.28
CA GLY B 23 10.15 -0.42 -5.41
C GLY B 23 10.70 -1.83 -5.38
N GLY B 24 9.82 -2.80 -5.14
CA GLY B 24 10.26 -4.19 -5.10
C GLY B 24 10.89 -4.66 -6.39
N PRO B 25 11.56 -5.82 -6.38
CA PRO B 25 12.22 -6.36 -7.56
C PRO B 25 11.26 -7.02 -8.55
N LYS B 26 9.97 -7.08 -8.20
CA LYS B 26 8.99 -7.68 -9.09
C LYS B 26 8.30 -6.64 -9.96
N TRP B 27 7.31 -5.96 -9.39
CA TRP B 27 6.56 -4.93 -10.09
C TRP B 27 7.50 -3.93 -10.75
N ALA A 1 -3.76 -2.93 13.93
CA ALA A 1 -5.05 -2.68 14.60
C ALA A 1 -6.22 -3.12 13.71
N ALA A 2 -6.51 -4.42 13.72
CA ALA A 2 -7.60 -4.96 12.92
C ALA A 2 -7.44 -4.60 11.45
N ALA A 3 -6.59 -5.34 10.74
CA ALA A 3 -6.34 -5.08 9.33
C ALA A 3 -6.66 -6.32 8.49
N THR A 4 -7.38 -6.12 7.39
CA THR A 4 -7.73 -7.22 6.50
C THR A 4 -6.59 -7.52 5.53
N ASN A 5 -6.88 -8.29 4.48
CA ASN A 5 -5.87 -8.65 3.49
C ASN A 5 -5.11 -7.42 3.01
N PRO A 6 -3.90 -7.63 2.44
CA PRO A 6 -3.04 -6.53 1.95
C PRO A 6 -3.75 -5.55 1.02
N ALA A 7 -3.52 -5.70 -0.29
CA ALA A 7 -4.12 -4.83 -1.29
C ALA A 7 -5.61 -4.65 -1.06
N ARG A 8 -6.27 -5.70 -0.58
CA ARG A 8 -7.70 -5.64 -0.33
C ARG A 8 -8.02 -4.52 0.67
N TYR A 9 -7.23 -4.45 1.73
CA TYR A 9 -7.41 -3.42 2.75
C TYR A 9 -7.07 -2.04 2.18
N CYS A 10 -5.95 -1.96 1.48
CA CYS A 10 -5.50 -0.71 0.89
C CYS A 10 -6.40 -0.28 -0.27
N CYS A 11 -7.34 -1.14 -0.64
CA CYS A 11 -8.25 -0.85 -1.73
C CYS A 11 -9.62 -0.40 -1.21
N LEU A 12 -9.91 -0.77 0.03
CA LEU A 12 -11.20 -0.42 0.64
C LEU A 12 -11.05 0.72 1.65
N SER A 13 -10.38 0.43 2.77
CA SER A 13 -10.19 1.44 3.81
C SER A 13 -8.99 2.32 3.52
N GLY A 14 -8.58 2.40 2.25
CA GLY A 14 -7.46 3.23 1.87
C GLY A 14 -6.13 2.72 2.41
N CYS A 15 -5.07 3.47 2.15
CA CYS A 15 -3.73 3.11 2.60
C CYS A 15 -2.74 4.24 2.29
N THR A 16 -2.03 4.67 3.32
CA THR A 16 -1.04 5.74 3.15
C THR A 16 0.31 5.17 2.74
N GLN A 17 1.24 6.05 2.40
CA GLN A 17 2.58 5.64 1.99
C GLN A 17 3.23 4.75 3.04
N GLN A 18 2.87 4.98 4.29
CA GLN A 18 3.42 4.20 5.40
C GLN A 18 2.74 2.84 5.50
N ASP A 19 1.46 2.79 5.13
CA ASP A 19 0.70 1.54 5.19
C ASP A 19 1.08 0.69 3.99
N LEU A 20 1.67 1.36 3.02
CA LEU A 20 2.15 0.77 1.80
C LEU A 20 3.59 0.34 2.02
N LEU A 21 4.28 1.18 2.75
CA LEU A 21 5.66 0.97 3.11
C LEU A 21 5.83 -0.33 3.89
N THR A 22 4.89 -0.58 4.80
CA THR A 22 4.92 -1.74 5.66
C THR A 22 4.65 -3.04 4.90
N LEU A 23 3.88 -2.97 3.81
CA LEU A 23 3.59 -4.18 3.04
C LEU A 23 4.77 -4.55 2.16
N CYS A 24 5.59 -3.56 1.80
CA CYS A 24 6.78 -3.78 0.98
C CYS A 24 7.27 -5.23 0.99
N PRO A 25 7.59 -5.81 2.17
CA PRO A 25 8.07 -7.19 2.26
C PRO A 25 6.95 -8.23 2.16
N TYR A 26 6.62 -8.62 0.93
CA TYR A 26 5.59 -9.63 0.71
C TYR A 26 5.72 -10.22 -0.69
N GLY A 27 6.02 -9.38 -1.67
CA GLY A 27 6.17 -9.83 -3.03
C GLY A 27 7.55 -9.54 -3.59
N PRO B 1 1.00 17.31 12.48
CA PRO B 1 2.13 16.42 12.15
C PRO B 1 1.70 14.95 12.15
N THR B 2 0.50 14.70 11.65
CA THR B 2 -0.04 13.35 11.59
C THR B 2 -0.94 13.12 10.34
N PRO B 3 -0.59 13.74 9.22
CA PRO B 3 -1.33 13.61 7.97
C PRO B 3 -1.29 12.19 7.42
N GLU B 4 -2.47 11.61 7.19
CA GLU B 4 -2.57 10.25 6.68
C GLU B 4 -3.62 10.16 5.57
N MET B 5 -3.20 10.41 4.33
CA MET B 5 -4.10 10.34 3.20
C MET B 5 -4.20 8.93 2.64
N ARG B 6 -4.97 8.09 3.32
CA ARG B 6 -5.15 6.70 2.91
C ARG B 6 -5.69 6.60 1.49
N GLU B 7 -4.82 6.37 0.53
CA GLU B 7 -5.23 6.22 -0.86
C GLU B 7 -5.91 4.88 -1.06
N LYS B 8 -6.97 4.85 -1.85
CA LYS B 8 -7.70 3.62 -2.11
C LYS B 8 -6.93 2.77 -3.12
N LEU B 9 -5.69 2.51 -2.78
CA LEU B 9 -4.79 1.72 -3.60
C LEU B 9 -5.39 0.36 -3.92
N CYS B 10 -5.97 0.25 -5.10
CA CYS B 10 -6.62 -0.98 -5.53
C CYS B 10 -6.01 -1.52 -6.83
N GLY B 11 -5.89 -2.84 -6.92
CA GLY B 11 -5.35 -3.47 -8.11
C GLY B 11 -3.94 -2.98 -8.45
N HIS B 12 -3.84 -2.21 -9.52
CA HIS B 12 -2.56 -1.69 -9.98
C HIS B 12 -2.12 -0.46 -9.18
N HIS B 13 -3.08 0.27 -8.61
CA HIS B 13 -2.76 1.45 -7.84
C HIS B 13 -1.85 1.11 -6.69
N PHE B 14 -2.18 0.05 -5.95
CA PHE B 14 -1.34 -0.35 -4.84
C PHE B 14 0.04 -0.72 -5.36
N VAL B 15 0.10 -1.80 -6.17
CA VAL B 15 1.36 -2.24 -6.76
C VAL B 15 2.16 -1.05 -7.30
N ARG B 16 1.46 -0.01 -7.70
CA ARG B 16 2.09 1.21 -8.21
C ARG B 16 2.70 1.97 -7.04
N ALA B 17 1.86 2.30 -6.06
CA ALA B 17 2.31 2.99 -4.87
C ALA B 17 3.40 2.17 -4.22
N LEU B 18 3.39 0.88 -4.54
CA LEU B 18 4.36 -0.06 -4.01
C LEU B 18 5.71 0.16 -4.68
N VAL B 19 5.69 0.14 -6.01
CA VAL B 19 6.88 0.36 -6.80
C VAL B 19 7.52 1.70 -6.47
N ARG B 20 6.74 2.57 -5.84
CA ARG B 20 7.20 3.90 -5.45
C ARG B 20 8.05 3.86 -4.17
N VAL B 21 7.44 3.40 -3.07
CA VAL B 21 8.14 3.35 -1.79
C VAL B 21 9.00 2.10 -1.65
N CYS B 22 8.48 0.97 -2.12
CA CYS B 22 9.20 -0.29 -2.03
C CYS B 22 9.66 -0.77 -3.40
N GLY B 23 10.71 -0.15 -3.93
CA GLY B 23 11.23 -0.54 -5.22
C GLY B 23 11.66 -2.00 -5.22
N GLY B 24 10.80 -2.85 -5.77
CA GLY B 24 11.08 -4.27 -5.81
C GLY B 24 11.42 -4.77 -7.21
N PRO B 25 11.88 -6.03 -7.32
CA PRO B 25 12.24 -6.64 -8.61
C PRO B 25 11.04 -7.20 -9.36
N LYS B 26 10.01 -7.61 -8.60
CA LYS B 26 8.80 -8.17 -9.20
C LYS B 26 8.15 -7.17 -10.16
N TRP B 27 7.51 -6.16 -9.57
CA TRP B 27 6.84 -5.12 -10.35
C TRP B 27 7.84 -4.32 -11.18
N ALA A 1 3.55 -3.87 13.02
CA ALA A 1 2.59 -3.26 12.07
C ALA A 1 1.73 -4.34 11.41
N ALA A 2 0.54 -4.55 11.95
CA ALA A 2 -0.38 -5.56 11.42
C ALA A 2 -1.59 -4.90 10.77
N ALA A 3 -2.00 -5.44 9.62
CA ALA A 3 -3.14 -4.90 8.90
C ALA A 3 -4.03 -6.03 8.38
N THR A 4 -5.35 -5.82 8.43
CA THR A 4 -6.30 -6.82 7.97
C THR A 4 -6.34 -6.88 6.45
N ASN A 5 -5.61 -7.83 5.88
CA ASN A 5 -5.56 -8.01 4.43
C ASN A 5 -4.92 -6.80 3.74
N PRO A 6 -3.78 -6.99 3.04
CA PRO A 6 -3.06 -5.90 2.36
C PRO A 6 -3.91 -5.20 1.29
N ALA A 7 -3.65 -5.52 0.01
CA ALA A 7 -4.37 -4.93 -1.10
C ALA A 7 -5.86 -4.74 -0.82
N ARG A 8 -6.45 -5.69 -0.10
CA ARG A 8 -7.87 -5.61 0.23
C ARG A 8 -8.16 -4.36 1.07
N TYR A 9 -7.42 -4.19 2.16
CA TYR A 9 -7.60 -3.03 3.04
C TYR A 9 -7.19 -1.76 2.30
N CYS A 10 -6.17 -1.89 1.46
CA CYS A 10 -5.65 -0.76 0.70
C CYS A 10 -6.61 -0.35 -0.41
N CYS A 11 -7.55 -1.22 -0.74
CA CYS A 11 -8.51 -0.95 -1.80
C CYS A 11 -9.85 -0.49 -1.23
N LEU A 12 -10.13 -0.88 0.01
CA LEU A 12 -11.39 -0.51 0.66
C LEU A 12 -11.31 0.88 1.28
N SER A 13 -10.87 0.94 2.52
CA SER A 13 -10.75 2.20 3.23
C SER A 13 -9.61 3.05 2.69
N GLY A 14 -8.60 2.39 2.12
CA GLY A 14 -7.46 3.11 1.58
C GLY A 14 -6.15 2.61 2.13
N CYS A 15 -5.07 3.29 1.76
CA CYS A 15 -3.73 2.92 2.23
C CYS A 15 -2.74 4.04 1.95
N THR A 16 -2.09 4.50 3.01
CA THR A 16 -1.11 5.57 2.88
C THR A 16 0.26 5.01 2.54
N GLN A 17 1.27 5.88 2.55
CA GLN A 17 2.63 5.46 2.25
C GLN A 17 3.18 4.55 3.34
N GLN A 18 2.68 4.72 4.55
CA GLN A 18 3.12 3.91 5.69
C GLN A 18 2.58 2.49 5.60
N ASP A 19 1.29 2.36 5.31
CA ASP A 19 0.65 1.06 5.21
C ASP A 19 1.23 0.27 4.04
N LEU A 20 1.88 0.98 3.13
CA LEU A 20 2.48 0.41 1.97
C LEU A 20 3.91 0.06 2.31
N LEU A 21 4.56 0.99 3.00
CA LEU A 21 5.90 0.82 3.48
C LEU A 21 6.11 -0.59 4.02
N THR A 22 5.19 -1.00 4.87
CA THR A 22 5.25 -2.32 5.49
C THR A 22 4.84 -3.40 4.51
N LEU A 23 4.06 -3.04 3.49
CA LEU A 23 3.64 -4.01 2.48
C LEU A 23 4.67 -4.07 1.37
N CYS A 24 5.84 -3.49 1.67
CA CYS A 24 6.98 -3.48 0.76
C CYS A 24 7.19 -4.83 0.08
N PRO A 25 8.11 -4.89 -0.93
CA PRO A 25 8.40 -6.11 -1.69
C PRO A 25 8.31 -7.40 -0.88
N TYR A 26 7.12 -8.00 -0.88
CA TYR A 26 6.91 -9.26 -0.18
C TYR A 26 7.41 -10.40 -1.07
N GLY A 27 7.73 -10.02 -2.31
CA GLY A 27 8.25 -10.96 -3.28
C GLY A 27 9.11 -10.26 -4.32
N PRO B 1 1.68 15.52 14.97
CA PRO B 1 0.84 14.77 14.00
C PRO B 1 1.48 14.78 12.61
N THR B 2 1.04 13.86 11.76
CA THR B 2 1.56 13.76 10.41
C THR B 2 0.44 13.55 9.39
N PRO B 3 0.57 14.11 8.18
CA PRO B 3 -0.43 13.98 7.13
C PRO B 3 -0.22 12.72 6.28
N GLU B 4 -1.31 12.01 6.02
CA GLU B 4 -1.26 10.79 5.22
C GLU B 4 -2.55 10.61 4.42
N MET B 5 -2.40 10.26 3.15
CA MET B 5 -3.54 10.04 2.27
C MET B 5 -3.73 8.56 1.96
N ARG B 6 -4.78 7.98 2.54
CA ARG B 6 -5.08 6.57 2.32
C ARG B 6 -5.52 6.31 0.89
N GLU B 7 -4.55 6.16 -0.02
CA GLU B 7 -4.87 5.89 -1.42
C GLU B 7 -5.60 4.57 -1.53
N LYS B 8 -6.65 4.53 -2.34
CA LYS B 8 -7.43 3.33 -2.55
C LYS B 8 -6.69 2.36 -3.47
N LEU B 9 -5.52 1.97 -3.02
CA LEU B 9 -4.66 1.05 -3.75
C LEU B 9 -5.32 -0.32 -3.90
N CYS B 10 -5.80 -0.60 -5.11
CA CYS B 10 -6.48 -1.85 -5.40
C CYS B 10 -5.58 -2.81 -6.18
N GLY B 11 -5.61 -2.69 -7.50
CA GLY B 11 -4.79 -3.57 -8.33
C GLY B 11 -3.50 -2.90 -8.78
N HIS B 12 -3.52 -2.32 -9.96
CA HIS B 12 -2.34 -1.64 -10.50
C HIS B 12 -2.00 -0.42 -9.67
N HIS B 13 -2.95 0.06 -8.88
CA HIS B 13 -2.74 1.22 -8.02
C HIS B 13 -1.78 0.87 -6.89
N PHE B 14 -1.96 -0.30 -6.30
CA PHE B 14 -1.07 -0.71 -5.22
C PHE B 14 0.28 -1.09 -5.78
N VAL B 15 0.28 -1.73 -6.94
CA VAL B 15 1.52 -2.11 -7.59
C VAL B 15 2.31 -0.86 -7.94
N ARG B 16 1.58 0.23 -8.12
CA ARG B 16 2.17 1.53 -8.43
C ARG B 16 2.70 2.17 -7.17
N ALA B 17 1.84 2.30 -6.17
CA ALA B 17 2.25 2.85 -4.89
C ALA B 17 3.46 2.09 -4.39
N LEU B 18 3.41 0.78 -4.62
CA LEU B 18 4.47 -0.11 -4.25
C LEU B 18 5.77 0.31 -4.93
N VAL B 19 5.78 0.20 -6.26
CA VAL B 19 6.93 0.56 -7.07
C VAL B 19 7.48 1.94 -6.72
N ARG B 20 6.67 2.75 -6.03
CA ARG B 20 7.08 4.09 -5.64
C ARG B 20 7.97 4.07 -4.40
N VAL B 21 7.33 3.95 -3.23
CA VAL B 21 8.05 3.93 -1.95
C VAL B 21 8.67 2.56 -1.70
N CYS B 22 7.95 1.51 -2.09
CA CYS B 22 8.42 0.15 -1.89
C CYS B 22 8.85 -0.49 -3.21
N GLY B 23 9.55 0.29 -4.04
CA GLY B 23 10.01 -0.22 -5.32
C GLY B 23 10.72 -1.57 -5.19
N GLY B 24 10.30 -2.52 -6.01
CA GLY B 24 10.91 -3.85 -5.97
C GLY B 24 11.41 -4.30 -7.34
N PRO B 25 12.09 -5.46 -7.40
CA PRO B 25 12.62 -5.99 -8.66
C PRO B 25 11.55 -6.65 -9.53
N LYS B 26 10.33 -6.77 -9.01
CA LYS B 26 9.24 -7.39 -9.78
C LYS B 26 8.46 -6.34 -10.55
N TRP B 27 7.55 -5.66 -9.86
CA TRP B 27 6.73 -4.63 -10.47
C TRP B 27 7.59 -3.58 -11.18
N ALA A 1 -9.03 -8.10 13.57
CA ALA A 1 -10.17 -7.73 12.69
C ALA A 1 -10.05 -6.30 12.20
N ALA A 2 -8.84 -5.75 12.28
CA ALA A 2 -8.59 -4.37 11.84
C ALA A 2 -8.12 -4.34 10.40
N ALA A 3 -6.86 -4.73 10.17
CA ALA A 3 -6.29 -4.73 8.83
C ALA A 3 -6.33 -6.13 8.21
N THR A 4 -7.43 -6.43 7.53
CA THR A 4 -7.60 -7.74 6.89
C THR A 4 -7.06 -7.73 5.47
N ASN A 5 -5.95 -8.44 5.26
CA ASN A 5 -5.31 -8.55 3.95
C ASN A 5 -4.77 -7.18 3.49
N PRO A 6 -3.64 -7.19 2.76
CA PRO A 6 -3.01 -5.94 2.26
C PRO A 6 -3.88 -5.20 1.25
N ALA A 7 -3.61 -5.40 -0.04
CA ALA A 7 -4.34 -4.74 -1.11
C ALA A 7 -5.85 -4.69 -0.84
N ARG A 8 -6.39 -5.76 -0.26
CA ARG A 8 -7.81 -5.82 0.04
C ARG A 8 -8.21 -4.67 0.96
N TYR A 9 -7.43 -4.45 2.01
CA TYR A 9 -7.70 -3.37 2.96
C TYR A 9 -7.30 -2.02 2.37
N CYS A 10 -6.20 -2.02 1.65
CA CYS A 10 -5.67 -0.80 1.03
C CYS A 10 -6.60 -0.29 -0.07
N CYS A 11 -7.48 -1.16 -0.55
CA CYS A 11 -8.41 -0.78 -1.61
C CYS A 11 -9.70 -0.21 -1.04
N LEU A 12 -10.37 -1.01 -0.21
CA LEU A 12 -11.63 -0.59 0.40
C LEU A 12 -11.47 0.70 1.19
N SER A 13 -10.99 0.59 2.42
CA SER A 13 -10.80 1.76 3.28
C SER A 13 -9.73 2.68 2.72
N GLY A 14 -8.55 2.12 2.45
CA GLY A 14 -7.45 2.92 1.92
C GLY A 14 -6.13 2.58 2.57
N CYS A 15 -5.05 3.11 1.99
CA CYS A 15 -3.71 2.87 2.51
C CYS A 15 -2.79 4.05 2.22
N THR A 16 -1.98 4.40 3.21
CA THR A 16 -1.06 5.52 3.06
C THR A 16 0.35 5.02 2.71
N GLN A 17 1.27 5.95 2.53
CA GLN A 17 2.65 5.61 2.19
C GLN A 17 3.29 4.74 3.25
N GLN A 18 2.67 4.72 4.43
CA GLN A 18 3.16 3.90 5.54
C GLN A 18 2.74 2.46 5.36
N ASP A 19 1.43 2.24 5.34
CA ASP A 19 0.88 0.90 5.16
C ASP A 19 1.45 0.26 3.91
N LEU A 20 1.95 1.09 3.01
CA LEU A 20 2.54 0.67 1.79
C LEU A 20 4.03 0.48 2.02
N LEU A 21 4.61 1.45 2.71
CA LEU A 21 6.02 1.44 3.06
C LEU A 21 6.51 0.05 3.34
N THR A 22 5.71 -0.72 4.06
CA THR A 22 6.09 -2.07 4.41
C THR A 22 5.30 -3.14 3.65
N LEU A 23 4.31 -2.74 2.85
CA LEU A 23 3.52 -3.71 2.09
C LEU A 23 4.09 -4.02 0.71
N CYS A 24 5.33 -3.65 0.43
CA CYS A 24 5.92 -3.95 -0.87
C CYS A 24 6.98 -5.05 -0.83
N PRO A 25 7.90 -5.05 0.17
CA PRO A 25 8.96 -6.06 0.29
C PRO A 25 8.42 -7.49 0.40
N TYR A 26 7.89 -8.01 -0.71
CA TYR A 26 7.34 -9.37 -0.75
C TYR A 26 7.48 -9.96 -2.14
N GLY A 27 6.69 -9.42 -3.07
CA GLY A 27 6.74 -9.89 -4.44
C GLY A 27 7.51 -8.94 -5.34
N PRO B 1 0.88 11.90 16.16
CA PRO B 1 0.17 13.04 15.53
C PRO B 1 0.80 13.39 14.18
N THR B 2 0.27 12.79 13.12
CA THR B 2 0.76 13.04 11.77
C THR B 2 -0.37 12.97 10.75
N PRO B 3 -0.35 13.84 9.72
CA PRO B 3 -1.37 13.89 8.69
C PRO B 3 -1.05 12.98 7.50
N GLU B 4 -1.78 11.87 7.41
CA GLU B 4 -1.58 10.92 6.32
C GLU B 4 -2.54 11.19 5.17
N MET B 5 -2.54 10.29 4.19
CA MET B 5 -3.41 10.43 3.03
C MET B 5 -3.54 9.12 2.27
N ARG B 6 -4.54 8.32 2.64
CA ARG B 6 -4.76 7.03 1.99
C ARG B 6 -5.09 7.23 0.51
N GLU B 7 -4.74 6.26 -0.32
CA GLU B 7 -4.99 6.34 -1.75
C GLU B 7 -5.74 5.10 -2.26
N LYS B 8 -6.66 4.58 -1.44
CA LYS B 8 -7.45 3.42 -1.77
C LYS B 8 -6.77 2.56 -2.83
N LEU B 9 -5.53 2.21 -2.53
CA LEU B 9 -4.70 1.40 -3.41
C LEU B 9 -5.31 0.01 -3.60
N CYS B 10 -5.82 -0.25 -4.80
CA CYS B 10 -6.43 -1.52 -5.11
C CYS B 10 -5.48 -2.44 -5.89
N GLY B 11 -5.69 -2.55 -7.19
CA GLY B 11 -4.84 -3.42 -8.00
C GLY B 11 -3.54 -2.74 -8.41
N HIS B 12 -3.49 -2.30 -9.67
CA HIS B 12 -2.31 -1.64 -10.19
C HIS B 12 -1.98 -0.38 -9.38
N HIS B 13 -3.00 0.19 -8.75
CA HIS B 13 -2.82 1.38 -7.93
C HIS B 13 -1.86 1.10 -6.79
N PHE B 14 -2.07 -0.03 -6.10
CA PHE B 14 -1.20 -0.40 -5.00
C PHE B 14 0.17 -0.78 -5.53
N VAL B 15 0.21 -1.69 -6.49
CA VAL B 15 1.46 -2.13 -7.10
C VAL B 15 2.32 -0.94 -7.53
N ARG B 16 1.66 0.15 -7.87
CA ARG B 16 2.34 1.38 -8.28
C ARG B 16 2.93 2.06 -7.05
N ALA B 17 2.04 2.47 -6.16
CA ALA B 17 2.46 3.12 -4.91
C ALA B 17 3.52 2.26 -4.25
N LEU B 18 3.48 0.98 -4.58
CA LEU B 18 4.41 0.00 -4.06
C LEU B 18 5.77 0.14 -4.73
N VAL B 19 5.76 0.11 -6.06
CA VAL B 19 6.96 0.26 -6.84
C VAL B 19 7.58 1.65 -6.63
N ARG B 20 6.88 2.48 -5.86
CA ARG B 20 7.33 3.83 -5.58
C ARG B 20 8.15 3.93 -4.29
N VAL B 21 7.56 3.51 -3.17
CA VAL B 21 8.23 3.60 -1.87
C VAL B 21 9.24 2.48 -1.63
N CYS B 22 8.97 1.29 -2.17
CA CYS B 22 9.85 0.15 -1.99
C CYS B 22 10.59 -0.20 -3.28
N GLY B 23 10.01 0.21 -4.41
CA GLY B 23 10.62 -0.07 -5.70
C GLY B 23 11.13 -1.49 -5.80
N GLY B 24 10.21 -2.45 -5.80
CA GLY B 24 10.59 -3.86 -5.90
C GLY B 24 11.09 -4.22 -7.29
N PRO B 25 11.99 -5.21 -7.41
CA PRO B 25 12.54 -5.64 -8.70
C PRO B 25 11.65 -6.64 -9.43
N LYS B 26 10.36 -6.65 -9.11
CA LYS B 26 9.41 -7.55 -9.75
C LYS B 26 8.41 -6.79 -10.61
N TRP B 27 7.43 -6.16 -9.95
CA TRP B 27 6.40 -5.39 -10.63
C TRP B 27 7.00 -4.37 -11.59
N ALA A 1 -2.52 -3.59 12.98
CA ALA A 1 -3.58 -2.77 13.59
C ALA A 1 -4.96 -3.39 13.37
N ALA A 2 -5.03 -4.71 13.51
CA ALA A 2 -6.28 -5.45 13.32
C ALA A 2 -6.87 -5.20 11.94
N ALA A 3 -6.06 -5.42 10.91
CA ALA A 3 -6.51 -5.22 9.53
C ALA A 3 -6.85 -6.57 8.88
N THR A 4 -7.40 -6.50 7.67
CA THR A 4 -7.78 -7.71 6.94
C THR A 4 -7.37 -7.62 5.48
N ASN A 5 -6.36 -8.41 5.10
CA ASN A 5 -5.84 -8.44 3.73
C ASN A 5 -5.25 -7.08 3.34
N PRO A 6 -4.01 -7.08 2.82
CA PRO A 6 -3.32 -5.84 2.41
C PRO A 6 -4.04 -5.12 1.27
N ALA A 7 -3.68 -5.47 0.04
CA ALA A 7 -4.28 -4.86 -1.15
C ALA A 7 -5.78 -4.66 -1.00
N ARG A 8 -6.46 -5.65 -0.43
CA ARG A 8 -7.90 -5.56 -0.22
C ARG A 8 -8.24 -4.37 0.66
N TYR A 9 -7.53 -4.26 1.79
CA TYR A 9 -7.74 -3.15 2.72
C TYR A 9 -7.29 -1.84 2.10
N CYS A 10 -6.37 -1.94 1.15
CA CYS A 10 -5.83 -0.78 0.47
C CYS A 10 -6.81 -0.25 -0.57
N CYS A 11 -7.70 -1.12 -1.03
CA CYS A 11 -8.70 -0.75 -2.02
C CYS A 11 -10.04 -0.43 -1.36
N LEU A 12 -10.15 -0.72 -0.06
CA LEU A 12 -11.38 -0.46 0.68
C LEU A 12 -11.26 0.78 1.55
N SER A 13 -10.55 0.66 2.67
CA SER A 13 -10.38 1.78 3.58
C SER A 13 -9.08 2.53 3.32
N GLY A 14 -8.59 2.43 2.10
CA GLY A 14 -7.36 3.12 1.73
C GLY A 14 -6.13 2.45 2.33
N CYS A 15 -4.97 3.00 1.99
CA CYS A 15 -3.69 2.49 2.49
C CYS A 15 -2.64 3.59 2.48
N THR A 16 -2.20 3.99 3.66
CA THR A 16 -1.21 5.05 3.78
C THR A 16 0.14 4.62 3.22
N GLN A 17 0.98 5.59 2.91
CA GLN A 17 2.31 5.32 2.37
C GLN A 17 3.12 4.46 3.32
N GLN A 18 2.91 4.65 4.62
CA GLN A 18 3.61 3.88 5.64
C GLN A 18 3.15 2.43 5.65
N ASP A 19 1.87 2.21 5.36
CA ASP A 19 1.30 0.88 5.34
C ASP A 19 1.69 0.15 4.07
N LEU A 20 2.02 0.94 3.06
CA LEU A 20 2.44 0.44 1.78
C LEU A 20 3.92 0.12 1.86
N LEU A 21 4.64 1.05 2.47
CA LEU A 21 6.06 0.93 2.70
C LEU A 21 6.40 -0.45 3.25
N THR A 22 5.71 -0.82 4.31
CA THR A 22 5.96 -2.10 4.95
C THR A 22 5.22 -3.24 4.27
N LEU A 23 4.34 -2.92 3.31
CA LEU A 23 3.62 -3.96 2.59
C LEU A 23 4.37 -4.43 1.36
N CYS A 24 5.57 -3.89 1.15
CA CYS A 24 6.41 -4.31 0.02
C CYS A 24 7.49 -5.34 0.43
N PRO A 25 8.15 -5.15 1.59
CA PRO A 25 9.20 -6.06 2.07
C PRO A 25 8.85 -7.55 1.96
N TYR A 26 7.56 -7.86 1.83
CA TYR A 26 7.12 -9.25 1.73
C TYR A 26 7.90 -9.99 0.64
N GLY A 27 8.28 -9.26 -0.41
CA GLY A 27 9.02 -9.86 -1.50
C GLY A 27 9.67 -8.83 -2.39
N PRO B 1 5.36 15.73 10.90
CA PRO B 1 6.09 14.45 10.85
C PRO B 1 5.46 13.49 9.86
N THR B 2 5.34 13.93 8.61
CA THR B 2 4.75 13.13 7.53
C THR B 2 3.35 12.63 7.90
N PRO B 3 2.30 13.18 7.25
CA PRO B 3 0.92 12.79 7.52
C PRO B 3 0.57 11.45 6.88
N GLU B 4 -0.56 10.89 7.28
CA GLU B 4 -1.02 9.60 6.76
C GLU B 4 -2.28 9.76 5.93
N MET B 5 -2.14 9.59 4.62
CA MET B 5 -3.28 9.71 3.71
C MET B 5 -3.59 8.36 3.07
N ARG B 6 -4.54 7.63 3.65
CA ARG B 6 -4.94 6.33 3.14
C ARG B 6 -5.32 6.40 1.66
N GLU B 7 -4.40 5.99 0.79
CA GLU B 7 -4.67 5.99 -0.64
C GLU B 7 -5.38 4.70 -1.03
N LYS B 8 -6.46 4.83 -1.79
CA LYS B 8 -7.21 3.68 -2.24
C LYS B 8 -6.41 2.91 -3.27
N LEU B 9 -5.41 2.20 -2.79
CA LEU B 9 -4.53 1.40 -3.63
C LEU B 9 -5.18 0.08 -4.01
N CYS B 10 -5.86 0.06 -5.14
CA CYS B 10 -6.53 -1.13 -5.63
C CYS B 10 -5.67 -1.83 -6.66
N GLY B 11 -6.31 -2.57 -7.57
CA GLY B 11 -5.58 -3.28 -8.60
C GLY B 11 -4.62 -2.37 -9.36
N HIS B 12 -3.35 -2.74 -9.39
CA HIS B 12 -2.31 -1.97 -10.08
C HIS B 12 -1.94 -0.71 -9.30
N HIS B 13 -2.92 -0.09 -8.64
CA HIS B 13 -2.67 1.13 -7.88
C HIS B 13 -1.73 0.84 -6.72
N PHE B 14 -1.96 -0.26 -6.02
CA PHE B 14 -1.10 -0.61 -4.90
C PHE B 14 0.29 -0.97 -5.40
N VAL B 15 0.33 -1.82 -6.42
CA VAL B 15 1.61 -2.23 -7.01
C VAL B 15 2.39 -1.01 -7.48
N ARG B 16 1.66 0.01 -7.93
CA ARG B 16 2.27 1.25 -8.38
C ARG B 16 2.81 2.03 -7.18
N ALA B 17 1.93 2.31 -6.23
CA ALA B 17 2.31 3.01 -5.02
C ALA B 17 3.42 2.25 -4.32
N LEU B 18 3.51 0.97 -4.65
CA LEU B 18 4.50 0.08 -4.08
C LEU B 18 5.84 0.29 -4.77
N VAL B 19 5.82 0.39 -6.10
CA VAL B 19 7.01 0.63 -6.88
C VAL B 19 7.54 2.03 -6.60
N ARG B 20 6.70 2.83 -5.95
CA ARG B 20 7.04 4.22 -5.61
C ARG B 20 7.86 4.30 -4.33
N VAL B 21 7.26 3.91 -3.21
CA VAL B 21 7.93 3.98 -1.92
C VAL B 21 8.94 2.84 -1.75
N CYS B 22 8.55 1.65 -2.22
CA CYS B 22 9.43 0.49 -2.10
C CYS B 22 9.75 -0.10 -3.48
N GLY B 23 10.49 0.67 -4.28
CA GLY B 23 10.87 0.20 -5.61
C GLY B 23 11.54 -1.16 -5.55
N GLY B 24 10.75 -2.21 -5.79
CA GLY B 24 11.29 -3.57 -5.76
C GLY B 24 11.67 -4.08 -7.13
N PRO B 25 12.19 -5.33 -7.21
CA PRO B 25 12.60 -5.95 -8.46
C PRO B 25 11.43 -6.56 -9.22
N LYS B 26 10.35 -6.88 -8.51
CA LYS B 26 9.18 -7.48 -9.15
C LYS B 26 8.50 -6.48 -10.07
N TRP B 27 7.68 -5.61 -9.47
CA TRP B 27 6.96 -4.58 -10.21
C TRP B 27 7.91 -3.74 -11.06
N ALA A 1 -7.43 -6.62 16.01
CA ALA A 1 -6.15 -6.85 16.74
C ALA A 1 -4.96 -6.74 15.80
N ALA A 2 -5.17 -7.08 14.54
CA ALA A 2 -4.11 -7.04 13.54
C ALA A 2 -4.63 -6.48 12.22
N ALA A 3 -3.75 -6.46 11.22
CA ALA A 3 -4.12 -5.95 9.89
C ALA A 3 -4.60 -7.08 8.98
N THR A 4 -5.72 -6.84 8.31
CA THR A 4 -6.28 -7.83 7.39
C THR A 4 -5.52 -7.85 6.08
N ASN A 5 -6.10 -8.48 5.05
CA ASN A 5 -5.46 -8.55 3.74
C ASN A 5 -4.88 -7.19 3.33
N PRO A 6 -3.73 -7.19 2.63
CA PRO A 6 -3.07 -5.95 2.20
C PRO A 6 -3.87 -5.16 1.17
N ALA A 7 -3.65 -5.47 -0.10
CA ALA A 7 -4.32 -4.78 -1.21
C ALA A 7 -5.83 -4.68 -0.98
N ARG A 8 -6.41 -5.67 -0.32
CA ARG A 8 -7.84 -5.68 -0.06
C ARG A 8 -8.20 -4.52 0.87
N TYR A 9 -7.43 -4.36 1.93
CA TYR A 9 -7.66 -3.30 2.91
C TYR A 9 -7.21 -1.96 2.35
N CYS A 10 -6.28 -1.99 1.41
CA CYS A 10 -5.76 -0.77 0.80
C CYS A 10 -6.66 -0.29 -0.33
N CYS A 11 -7.49 -1.19 -0.86
CA CYS A 11 -8.39 -0.84 -1.95
C CYS A 11 -9.76 -0.44 -1.43
N LEU A 12 -10.14 -0.98 -0.27
CA LEU A 12 -11.44 -0.69 0.32
C LEU A 12 -11.38 0.57 1.18
N SER A 13 -10.71 0.47 2.32
CA SER A 13 -10.58 1.60 3.24
C SER A 13 -9.51 2.57 2.75
N GLY A 14 -8.30 2.06 2.54
CA GLY A 14 -7.21 2.89 2.08
C GLY A 14 -5.88 2.48 2.68
N CYS A 15 -4.80 3.07 2.15
CA CYS A 15 -3.46 2.76 2.63
C CYS A 15 -2.50 3.90 2.30
N THR A 16 -1.93 4.50 3.33
CA THR A 16 -0.99 5.60 3.14
C THR A 16 0.38 5.06 2.74
N GLN A 17 1.31 5.96 2.46
CA GLN A 17 2.66 5.59 2.07
C GLN A 17 3.30 4.72 3.15
N GLN A 18 2.85 4.90 4.38
CA GLN A 18 3.36 4.13 5.50
C GLN A 18 2.75 2.73 5.54
N ASP A 19 1.49 2.63 5.11
CA ASP A 19 0.78 1.35 5.08
C ASP A 19 1.22 0.56 3.86
N LEU A 20 1.85 1.28 2.93
CA LEU A 20 2.35 0.72 1.72
C LEU A 20 3.78 0.29 1.97
N LEU A 21 4.50 1.16 2.64
CA LEU A 21 5.85 0.94 3.04
C LEU A 21 6.04 -0.44 3.67
N THR A 22 5.32 -0.66 4.77
CA THR A 22 5.41 -1.90 5.52
C THR A 22 5.23 -3.14 4.65
N LEU A 23 4.41 -3.06 3.60
CA LEU A 23 4.22 -4.22 2.74
C LEU A 23 5.42 -4.47 1.84
N CYS A 24 6.08 -3.39 1.42
CA CYS A 24 7.28 -3.47 0.57
C CYS A 24 7.90 -4.88 0.53
N PRO A 25 8.35 -5.43 1.68
CA PRO A 25 8.97 -6.76 1.71
C PRO A 25 7.95 -7.89 1.64
N TYR A 26 7.60 -8.27 0.41
CA TYR A 26 6.64 -9.35 0.18
C TYR A 26 6.66 -9.79 -1.28
N GLY A 27 6.78 -8.82 -2.18
CA GLY A 27 6.82 -9.13 -3.60
C GLY A 27 8.19 -8.95 -4.21
N PRO B 1 -4.88 15.23 16.26
CA PRO B 1 -4.43 14.13 15.36
C PRO B 1 -5.01 14.30 13.96
N THR B 2 -4.19 14.76 13.03
CA THR B 2 -4.62 14.97 11.65
C THR B 2 -4.71 13.65 10.90
N PRO B 3 -5.82 13.40 10.17
CA PRO B 3 -6.01 12.17 9.43
C PRO B 3 -5.07 12.07 8.23
N GLU B 4 -4.62 10.86 7.93
CA GLU B 4 -3.71 10.62 6.81
C GLU B 4 -4.47 10.57 5.49
N MET B 5 -3.73 10.45 4.40
CA MET B 5 -4.30 10.39 3.06
C MET B 5 -4.32 8.97 2.52
N ARG B 6 -4.93 8.07 3.28
CA ARG B 6 -5.04 6.66 2.89
C ARG B 6 -5.53 6.52 1.46
N GLU B 7 -4.59 6.31 0.52
CA GLU B 7 -4.96 6.14 -0.87
C GLU B 7 -5.62 4.78 -1.06
N LYS B 8 -6.74 4.76 -1.78
CA LYS B 8 -7.45 3.52 -2.04
C LYS B 8 -6.72 2.70 -3.08
N LEU B 9 -5.53 2.28 -2.69
CA LEU B 9 -4.65 1.49 -3.54
C LEU B 9 -5.19 0.07 -3.74
N CYS B 10 -5.40 -0.29 -4.99
CA CYS B 10 -5.93 -1.62 -5.34
C CYS B 10 -4.87 -2.48 -6.01
N GLY B 11 -5.32 -3.57 -6.65
CA GLY B 11 -4.40 -4.47 -7.31
C GLY B 11 -3.40 -3.76 -8.23
N HIS B 12 -3.77 -2.58 -8.69
CA HIS B 12 -2.91 -1.80 -9.58
C HIS B 12 -2.34 -0.57 -8.88
N HIS B 13 -3.22 0.31 -8.41
CA HIS B 13 -2.79 1.53 -7.73
C HIS B 13 -1.84 1.19 -6.58
N PHE B 14 -2.06 0.07 -5.92
CA PHE B 14 -1.18 -0.34 -4.84
C PHE B 14 0.17 -0.69 -5.42
N VAL B 15 0.22 -1.74 -6.23
CA VAL B 15 1.45 -2.18 -6.88
C VAL B 15 2.25 -1.00 -7.40
N ARG B 16 1.55 0.06 -7.79
CA ARG B 16 2.19 1.28 -8.27
C ARG B 16 2.82 2.00 -7.09
N ALA B 17 1.99 2.38 -6.12
CA ALA B 17 2.48 3.04 -4.93
C ALA B 17 3.56 2.19 -4.29
N LEU B 18 3.54 0.90 -4.63
CA LEU B 18 4.50 -0.06 -4.12
C LEU B 18 5.85 0.18 -4.80
N VAL B 19 5.81 0.28 -6.13
CA VAL B 19 7.01 0.52 -6.91
C VAL B 19 7.65 1.86 -6.54
N ARG B 20 6.87 2.71 -5.87
CA ARG B 20 7.35 4.02 -5.45
C ARG B 20 8.20 3.93 -4.19
N VAL B 21 7.62 3.43 -3.10
CA VAL B 21 8.32 3.33 -1.83
C VAL B 21 9.11 2.03 -1.72
N CYS B 22 8.90 1.14 -2.67
CA CYS B 22 9.60 -0.14 -2.68
C CYS B 22 9.72 -0.68 -4.10
N GLY B 23 10.39 0.09 -4.96
CA GLY B 23 10.59 -0.32 -6.34
C GLY B 23 11.23 -1.69 -6.47
N GLY B 24 10.42 -2.74 -6.36
CA GLY B 24 10.91 -4.10 -6.46
C GLY B 24 11.27 -4.47 -7.89
N PRO B 25 12.02 -5.57 -8.08
CA PRO B 25 12.44 -6.03 -9.40
C PRO B 25 11.39 -6.89 -10.12
N LYS B 26 10.11 -6.72 -9.75
CA LYS B 26 9.05 -7.50 -10.40
C LYS B 26 8.16 -6.60 -11.26
N TRP B 27 7.22 -5.92 -10.59
CA TRP B 27 6.28 -5.03 -11.25
C TRP B 27 6.99 -4.09 -12.24
N ALA A 1 -1.53 -4.72 13.39
CA ALA A 1 -2.62 -5.31 14.21
C ALA A 1 -3.55 -6.16 13.36
N ALA A 2 -2.96 -6.93 12.43
CA ALA A 2 -3.72 -7.79 11.54
C ALA A 2 -4.64 -6.98 10.61
N ALA A 3 -4.97 -7.56 9.48
CA ALA A 3 -5.84 -6.90 8.50
C ALA A 3 -6.37 -7.90 7.47
N THR A 4 -7.42 -7.48 6.76
CA THR A 4 -8.02 -8.34 5.75
C THR A 4 -7.27 -8.26 4.43
N ASN A 5 -6.15 -8.97 4.34
CA ASN A 5 -5.31 -8.99 3.14
C ASN A 5 -4.73 -7.61 2.84
N PRO A 6 -3.57 -7.57 2.14
CA PRO A 6 -2.90 -6.33 1.78
C PRO A 6 -3.73 -5.47 0.81
N ALA A 7 -3.54 -5.72 -0.48
CA ALA A 7 -4.26 -5.00 -1.52
C ALA A 7 -5.74 -4.81 -1.19
N ARG A 8 -6.39 -5.86 -0.72
CA ARG A 8 -7.80 -5.81 -0.37
C ARG A 8 -8.07 -4.69 0.63
N TYR A 9 -7.24 -4.61 1.66
CA TYR A 9 -7.39 -3.58 2.68
C TYR A 9 -6.94 -2.22 2.16
N CYS A 10 -6.00 -2.23 1.23
CA CYS A 10 -5.45 -1.01 0.66
C CYS A 10 -6.43 -0.34 -0.30
N CYS A 11 -7.34 -1.12 -0.86
CA CYS A 11 -8.32 -0.56 -1.80
C CYS A 11 -9.55 -0.01 -1.09
N LEU A 12 -10.15 -0.84 -0.24
CA LEU A 12 -11.34 -0.45 0.50
C LEU A 12 -11.03 0.62 1.55
N SER A 13 -10.52 0.19 2.69
CA SER A 13 -10.20 1.11 3.78
C SER A 13 -9.16 2.14 3.36
N GLY A 14 -8.24 1.73 2.49
CA GLY A 14 -7.21 2.63 2.02
C GLY A 14 -5.83 2.19 2.44
N CYS A 15 -4.81 2.90 1.96
CA CYS A 15 -3.43 2.58 2.31
C CYS A 15 -2.49 3.75 2.02
N THR A 16 -2.11 4.45 3.09
CA THR A 16 -1.21 5.59 2.95
C THR A 16 0.19 5.11 2.62
N GLN A 17 1.08 6.03 2.28
CA GLN A 17 2.45 5.67 1.96
C GLN A 17 3.08 4.92 3.13
N GLN A 18 2.66 5.26 4.33
CA GLN A 18 3.16 4.62 5.54
C GLN A 18 2.66 3.18 5.62
N ASP A 19 1.38 2.99 5.31
CA ASP A 19 0.76 1.66 5.35
C ASP A 19 1.20 0.82 4.16
N LEU A 20 1.70 1.48 3.13
CA LEU A 20 2.16 0.83 1.94
C LEU A 20 3.60 0.39 2.16
N LEU A 21 4.35 1.31 2.73
CA LEU A 21 5.72 1.11 3.10
C LEU A 21 5.89 -0.21 3.83
N THR A 22 5.19 -0.33 4.95
CA THR A 22 5.25 -1.51 5.77
C THR A 22 4.77 -2.75 5.03
N LEU A 23 4.17 -2.56 3.86
CA LEU A 23 3.70 -3.69 3.06
C LEU A 23 4.86 -4.23 2.23
N CYS A 24 5.77 -3.33 1.84
CA CYS A 24 6.98 -3.66 1.07
C CYS A 24 7.38 -5.14 1.15
N PRO A 25 7.62 -5.69 2.36
CA PRO A 25 8.04 -7.09 2.51
C PRO A 25 6.96 -8.10 2.08
N TYR A 26 6.85 -8.27 0.77
CA TYR A 26 5.88 -9.21 0.19
C TYR A 26 5.94 -9.15 -1.33
N GLY A 27 6.02 -10.30 -1.96
CA GLY A 27 6.09 -10.36 -3.42
C GLY A 27 7.32 -9.67 -3.97
N PRO B 1 -0.36 19.80 5.52
CA PRO B 1 -1.68 19.76 4.85
C PRO B 1 -2.33 18.40 5.02
N THR B 2 -3.30 18.32 5.94
CA THR B 2 -4.03 17.08 6.22
C THR B 2 -3.10 15.97 6.70
N PRO B 3 -3.60 15.06 7.56
CA PRO B 3 -2.81 13.95 8.09
C PRO B 3 -2.74 12.77 7.12
N GLU B 4 -2.50 11.57 7.66
CA GLU B 4 -2.41 10.38 6.83
C GLU B 4 -3.65 10.20 5.97
N MET B 5 -3.51 10.50 4.69
CA MET B 5 -4.62 10.38 3.75
C MET B 5 -4.45 9.14 2.89
N ARG B 6 -5.21 8.10 3.20
CA ARG B 6 -5.15 6.85 2.45
C ARG B 6 -5.47 7.09 0.98
N GLU B 7 -4.67 6.49 0.10
CA GLU B 7 -4.85 6.64 -1.34
C GLU B 7 -5.51 5.40 -1.93
N LYS B 8 -6.41 4.78 -1.16
CA LYS B 8 -7.10 3.58 -1.57
C LYS B 8 -6.37 2.85 -2.69
N LEU B 9 -5.19 2.38 -2.34
CA LEU B 9 -4.33 1.66 -3.28
C LEU B 9 -4.98 0.36 -3.69
N CYS B 10 -5.78 0.42 -4.74
CA CYS B 10 -6.48 -0.75 -5.26
C CYS B 10 -5.57 -1.57 -6.19
N GLY B 11 -6.17 -2.15 -7.23
CA GLY B 11 -5.42 -2.97 -8.18
C GLY B 11 -4.09 -2.37 -8.60
N HIS B 12 -4.09 -1.61 -9.69
CA HIS B 12 -2.87 -1.00 -10.21
C HIS B 12 -2.36 0.12 -9.32
N HIS B 13 -3.25 0.67 -8.49
CA HIS B 13 -2.87 1.76 -7.59
C HIS B 13 -1.83 1.30 -6.58
N PHE B 14 -2.08 0.16 -5.94
CA PHE B 14 -1.14 -0.37 -4.96
C PHE B 14 0.11 -0.90 -5.65
N VAL B 15 -0.08 -1.59 -6.76
CA VAL B 15 1.05 -2.14 -7.52
C VAL B 15 2.07 -1.05 -7.85
N ARG B 16 1.57 0.15 -8.14
CA ARG B 16 2.41 1.28 -8.48
C ARG B 16 2.96 1.92 -7.21
N ALA B 17 2.05 2.42 -6.38
CA ALA B 17 2.42 3.05 -5.13
C ALA B 17 3.47 2.22 -4.40
N LEU B 18 3.43 0.92 -4.64
CA LEU B 18 4.34 0.00 -4.01
C LEU B 18 5.69 0.00 -4.73
N VAL B 19 5.67 -0.06 -6.06
CA VAL B 19 6.89 -0.02 -6.84
C VAL B 19 7.61 1.29 -6.59
N ARG B 20 6.93 2.21 -5.90
CA ARG B 20 7.48 3.51 -5.58
C ARG B 20 8.24 3.52 -4.26
N VAL B 21 7.57 3.18 -3.16
CA VAL B 21 8.20 3.21 -1.85
C VAL B 21 9.10 2.00 -1.59
N CYS B 22 8.68 0.81 -2.03
CA CYS B 22 9.48 -0.39 -1.80
C CYS B 22 10.24 -0.81 -3.05
N GLY B 23 9.71 -0.44 -4.22
CA GLY B 23 10.36 -0.78 -5.48
C GLY B 23 10.91 -2.19 -5.53
N GLY B 24 10.12 -3.13 -6.05
CA GLY B 24 10.56 -4.53 -6.14
C GLY B 24 10.87 -4.93 -7.57
N PRO B 25 11.32 -6.17 -7.79
CA PRO B 25 11.67 -6.68 -9.11
C PRO B 25 10.49 -7.37 -9.83
N LYS B 26 9.32 -7.36 -9.22
CA LYS B 26 8.14 -7.99 -9.81
C LYS B 26 7.33 -6.98 -10.64
N TRP B 27 6.48 -6.24 -9.95
CA TRP B 27 5.63 -5.22 -10.57
C TRP B 27 6.38 -4.43 -11.64
N ALA A 1 -4.09 0.50 14.24
CA ALA A 1 -3.31 -0.52 13.50
C ALA A 1 -4.13 -1.77 13.24
N ALA A 2 -4.82 -1.79 12.11
CA ALA A 2 -5.66 -2.92 11.73
C ALA A 2 -5.50 -3.25 10.25
N ALA A 3 -4.77 -4.32 9.96
CA ALA A 3 -4.54 -4.74 8.57
C ALA A 3 -4.74 -6.24 8.41
N THR A 4 -5.89 -6.62 7.87
CA THR A 4 -6.20 -8.03 7.64
C THR A 4 -5.45 -8.56 6.42
N ASN A 5 -5.45 -7.78 5.35
CA ASN A 5 -4.78 -8.16 4.12
C ASN A 5 -4.24 -6.92 3.40
N PRO A 6 -3.15 -7.07 2.62
CA PRO A 6 -2.53 -5.94 1.88
C PRO A 6 -3.51 -5.25 0.93
N ALA A 7 -3.34 -5.51 -0.37
CA ALA A 7 -4.19 -4.94 -1.41
C ALA A 7 -5.64 -4.80 -0.97
N ARG A 8 -6.15 -5.83 -0.30
CA ARG A 8 -7.52 -5.81 0.19
C ARG A 8 -7.79 -4.58 1.05
N TYR A 9 -6.94 -4.38 2.05
CA TYR A 9 -7.09 -3.24 2.95
C TYR A 9 -6.70 -1.93 2.24
N CYS A 10 -5.84 -2.04 1.25
CA CYS A 10 -5.38 -0.87 0.50
C CYS A 10 -6.44 -0.34 -0.46
N CYS A 11 -7.40 -1.19 -0.82
CA CYS A 11 -8.45 -0.77 -1.75
C CYS A 11 -9.77 -0.50 -1.03
N LEU A 12 -9.89 -0.98 0.21
CA LEU A 12 -11.11 -0.78 0.99
C LEU A 12 -11.14 0.60 1.63
N SER A 13 -10.57 0.72 2.82
CA SER A 13 -10.55 1.97 3.55
C SER A 13 -9.43 2.88 3.05
N GLY A 14 -8.31 2.28 2.67
CA GLY A 14 -7.18 3.06 2.18
C GLY A 14 -5.92 2.77 2.96
N CYS A 15 -4.77 3.04 2.34
CA CYS A 15 -3.49 2.82 2.98
C CYS A 15 -2.49 3.90 2.57
N THR A 16 -1.96 4.62 3.55
CA THR A 16 -1.01 5.68 3.29
C THR A 16 0.34 5.10 2.87
N GLN A 17 1.29 5.98 2.57
CA GLN A 17 2.63 5.55 2.16
C GLN A 17 3.26 4.69 3.24
N GLN A 18 2.89 4.95 4.49
CA GLN A 18 3.42 4.19 5.61
C GLN A 18 2.70 2.85 5.74
N ASP A 19 1.42 2.84 5.35
CA ASP A 19 0.61 1.63 5.42
C ASP A 19 0.97 0.73 4.25
N LEU A 20 1.62 1.34 3.26
CA LEU A 20 2.07 0.67 2.10
C LEU A 20 3.50 0.23 2.34
N LEU A 21 4.24 1.09 3.01
CA LEU A 21 5.61 0.81 3.40
C LEU A 21 5.66 -0.57 4.04
N THR A 22 4.68 -0.82 4.91
CA THR A 22 4.56 -2.10 5.57
C THR A 22 4.29 -3.19 4.54
N LEU A 23 3.62 -2.78 3.47
CA LEU A 23 3.27 -3.70 2.40
C LEU A 23 4.38 -3.79 1.34
N CYS A 24 5.50 -3.12 1.63
CA CYS A 24 6.66 -3.10 0.75
C CYS A 24 6.94 -4.43 0.01
N PRO A 25 7.35 -5.51 0.70
CA PRO A 25 7.67 -6.80 0.05
C PRO A 25 6.42 -7.58 -0.38
N TYR A 26 6.37 -8.87 -0.02
CA TYR A 26 5.23 -9.75 -0.35
C TYR A 26 5.08 -9.93 -1.85
N GLY A 27 5.95 -9.31 -2.62
CA GLY A 27 5.86 -9.42 -4.07
C GLY A 27 7.00 -8.76 -4.80
N PRO B 1 4.47 14.25 12.47
CA PRO B 1 4.11 15.53 11.81
C PRO B 1 4.00 15.36 10.31
N THR B 2 4.47 14.23 9.79
CA THR B 2 4.42 13.95 8.37
C THR B 2 2.97 13.75 7.91
N PRO B 3 2.56 14.40 6.79
CA PRO B 3 1.21 14.28 6.26
C PRO B 3 0.98 12.94 5.56
N GLU B 4 -0.17 12.32 5.84
CA GLU B 4 -0.51 11.03 5.24
C GLU B 4 -1.91 11.07 4.64
N MET B 5 -2.15 10.19 3.68
CA MET B 5 -3.45 10.10 3.02
C MET B 5 -3.69 8.67 2.53
N ARG B 6 -4.58 7.97 3.22
CA ARG B 6 -4.90 6.58 2.86
C ARG B 6 -5.39 6.48 1.42
N GLU B 7 -4.47 6.26 0.50
CA GLU B 7 -4.83 6.11 -0.91
C GLU B 7 -5.47 4.75 -1.13
N LYS B 8 -6.60 4.75 -1.82
CA LYS B 8 -7.32 3.51 -2.10
C LYS B 8 -6.60 2.73 -3.19
N LEU B 9 -5.43 2.25 -2.84
CA LEU B 9 -4.59 1.48 -3.75
C LEU B 9 -5.30 0.20 -4.18
N CYS B 10 -6.01 0.29 -5.31
CA CYS B 10 -6.74 -0.85 -5.85
C CYS B 10 -6.02 -1.48 -7.02
N GLY B 11 -5.52 -2.70 -6.81
CA GLY B 11 -4.81 -3.41 -7.86
C GLY B 11 -3.66 -2.62 -8.45
N HIS B 12 -3.85 -2.12 -9.66
CA HIS B 12 -2.82 -1.34 -10.34
C HIS B 12 -2.29 -0.21 -9.48
N HIS B 13 -3.20 0.52 -8.84
CA HIS B 13 -2.82 1.64 -7.98
C HIS B 13 -1.86 1.18 -6.90
N PHE B 14 -2.11 0.00 -6.33
CA PHE B 14 -1.25 -0.54 -5.29
C PHE B 14 0.06 -1.02 -5.88
N VAL B 15 0.00 -1.62 -7.06
CA VAL B 15 1.19 -2.12 -7.72
C VAL B 15 2.18 -0.98 -7.96
N ARG B 16 1.66 0.17 -8.36
CA ARG B 16 2.49 1.34 -8.62
C ARG B 16 2.99 1.94 -7.31
N ALA B 17 2.04 2.30 -6.45
CA ALA B 17 2.35 2.88 -5.16
C ALA B 17 3.39 2.04 -4.43
N LEU B 18 3.32 0.74 -4.62
CA LEU B 18 4.23 -0.18 -3.99
C LEU B 18 5.59 -0.14 -4.67
N VAL B 19 5.57 0.07 -5.98
CA VAL B 19 6.79 0.17 -6.76
C VAL B 19 7.51 1.47 -6.42
N ARG B 20 6.77 2.39 -5.82
CA ARG B 20 7.30 3.69 -5.43
C ARG B 20 8.10 3.63 -4.14
N VAL B 21 7.41 3.32 -3.04
CA VAL B 21 8.06 3.26 -1.74
C VAL B 21 8.93 2.03 -1.59
N CYS B 22 8.51 0.93 -2.20
CA CYS B 22 9.26 -0.31 -2.12
C CYS B 22 9.45 -0.94 -3.49
N GLY B 23 10.14 -0.22 -4.38
CA GLY B 23 10.41 -0.75 -5.70
C GLY B 23 11.25 -2.01 -5.65
N GLY B 24 10.59 -3.15 -5.39
CA GLY B 24 11.29 -4.42 -5.30
C GLY B 24 11.86 -4.90 -6.62
N PRO B 25 12.42 -6.11 -6.64
CA PRO B 25 13.01 -6.70 -7.85
C PRO B 25 11.98 -7.37 -8.74
N LYS B 26 10.81 -7.69 -8.16
CA LYS B 26 9.74 -8.34 -8.91
C LYS B 26 9.08 -7.34 -9.86
N TRP B 27 8.19 -6.51 -9.31
CA TRP B 27 7.48 -5.50 -10.07
C TRP B 27 8.46 -4.60 -10.82
N ALA A 1 -14.35 -9.33 8.20
CA ALA A 1 -13.80 -8.05 7.69
C ALA A 1 -12.52 -8.28 6.88
N ALA A 2 -12.02 -7.21 6.27
CA ALA A 2 -10.80 -7.29 5.47
C ALA A 2 -9.70 -6.41 6.06
N ALA A 3 -9.39 -6.63 7.34
CA ALA A 3 -8.37 -5.86 8.02
C ALA A 3 -7.05 -6.62 8.05
N THR A 4 -5.99 -5.96 8.50
CA THR A 4 -4.66 -6.55 8.59
C THR A 4 -4.27 -7.23 7.27
N ASN A 5 -4.78 -6.68 6.17
CA ASN A 5 -4.48 -7.22 4.84
C ASN A 5 -3.89 -6.13 3.94
N PRO A 6 -3.31 -6.51 2.79
CA PRO A 6 -2.73 -5.56 1.84
C PRO A 6 -3.79 -4.82 1.02
N ALA A 7 -3.75 -4.99 -0.30
CA ALA A 7 -4.71 -4.34 -1.20
C ALA A 7 -6.14 -4.65 -0.81
N ARG A 8 -6.38 -5.87 -0.32
CA ARG A 8 -7.71 -6.27 0.10
C ARG A 8 -8.21 -5.33 1.19
N TYR A 9 -7.28 -4.64 1.82
CA TYR A 9 -7.57 -3.69 2.89
C TYR A 9 -7.53 -2.26 2.38
N CYS A 10 -6.63 -1.99 1.45
CA CYS A 10 -6.47 -0.64 0.90
C CYS A 10 -7.56 -0.29 -0.11
N CYS A 11 -7.70 -1.12 -1.13
CA CYS A 11 -8.70 -0.90 -2.18
C CYS A 11 -10.12 -0.78 -1.62
N LEU A 12 -10.28 -1.15 -0.35
CA LEU A 12 -11.60 -1.08 0.29
C LEU A 12 -11.71 0.10 1.25
N SER A 13 -10.57 0.52 1.81
CA SER A 13 -10.56 1.64 2.75
C SER A 13 -9.44 2.63 2.42
N GLY A 14 -8.22 2.12 2.34
CA GLY A 14 -7.09 2.98 2.03
C GLY A 14 -5.85 2.61 2.82
N CYS A 15 -4.70 3.11 2.39
CA CYS A 15 -3.44 2.84 3.05
C CYS A 15 -2.39 3.88 2.65
N THR A 16 -1.95 4.65 3.62
CA THR A 16 -0.96 5.69 3.38
C THR A 16 0.37 5.12 2.90
N GLN A 17 1.28 5.99 2.49
CA GLN A 17 2.60 5.58 2.01
C GLN A 17 3.31 4.72 3.03
N GLN A 18 3.00 4.93 4.31
CA GLN A 18 3.61 4.16 5.38
C GLN A 18 3.00 2.76 5.45
N ASP A 19 1.67 2.70 5.34
CA ASP A 19 0.97 1.42 5.37
C ASP A 19 1.36 0.59 4.16
N LEU A 20 1.88 1.27 3.15
CA LEU A 20 2.33 0.67 1.94
C LEU A 20 3.79 0.30 2.10
N LEU A 21 4.47 1.18 2.78
CA LEU A 21 5.88 1.01 3.11
C LEU A 21 6.12 -0.31 3.81
N THR A 22 5.20 -0.67 4.69
CA THR A 22 5.31 -1.90 5.45
C THR A 22 4.98 -3.13 4.61
N LEU A 23 4.36 -2.91 3.45
CA LEU A 23 4.03 -4.04 2.57
C LEU A 23 5.22 -4.35 1.67
N CYS A 24 6.10 -3.38 1.52
CA CYS A 24 7.33 -3.53 0.73
C CYS A 24 7.76 -4.99 0.58
N PRO A 25 7.94 -5.73 1.70
CA PRO A 25 8.38 -7.14 1.64
C PRO A 25 7.27 -8.06 1.15
N TYR A 26 6.94 -7.95 -0.14
CA TYR A 26 5.91 -8.78 -0.75
C TYR A 26 5.96 -8.64 -2.27
N GLY A 27 5.90 -9.77 -2.96
CA GLY A 27 5.94 -9.74 -4.42
C GLY A 27 7.34 -9.44 -4.94
N PRO B 1 2.24 14.10 14.11
CA PRO B 1 3.50 14.82 13.78
C PRO B 1 3.62 15.02 12.26
N THR B 2 3.07 14.09 11.50
CA THR B 2 3.13 14.16 10.05
C THR B 2 1.79 13.77 9.41
N PRO B 3 1.39 14.45 8.32
CA PRO B 3 0.12 14.16 7.63
C PRO B 3 0.20 12.88 6.82
N GLU B 4 -0.87 12.08 6.88
CA GLU B 4 -0.91 10.82 6.15
C GLU B 4 -2.32 10.56 5.59
N MET B 5 -2.39 10.47 4.26
CA MET B 5 -3.67 10.23 3.59
C MET B 5 -3.72 8.83 3.00
N ARG B 6 -4.63 8.00 3.53
CA ARG B 6 -4.78 6.64 3.05
C ARG B 6 -5.20 6.62 1.59
N GLU B 7 -4.24 6.49 0.68
CA GLU B 7 -4.52 6.44 -0.74
C GLU B 7 -5.12 5.09 -1.09
N LYS B 8 -6.24 5.08 -1.79
CA LYS B 8 -6.87 3.84 -2.17
C LYS B 8 -6.01 3.14 -3.22
N LEU B 9 -5.31 2.13 -2.75
CA LEU B 9 -4.41 1.36 -3.59
C LEU B 9 -4.97 -0.03 -3.89
N CYS B 10 -5.46 -0.21 -5.12
CA CYS B 10 -6.02 -1.47 -5.56
C CYS B 10 -4.98 -2.34 -6.26
N GLY B 11 -5.43 -3.41 -6.92
CA GLY B 11 -4.51 -4.30 -7.61
C GLY B 11 -3.46 -3.60 -8.44
N HIS B 12 -3.80 -2.43 -8.98
CA HIS B 12 -2.86 -1.67 -9.81
C HIS B 12 -2.27 -0.47 -9.08
N HIS B 13 -3.14 0.38 -8.54
CA HIS B 13 -2.68 1.57 -7.82
C HIS B 13 -1.71 1.19 -6.71
N PHE B 14 -1.89 0.00 -6.15
CA PHE B 14 -1.02 -0.46 -5.08
C PHE B 14 0.31 -0.92 -5.66
N VAL B 15 0.25 -1.69 -6.73
CA VAL B 15 1.46 -2.16 -7.39
C VAL B 15 2.36 -1.00 -7.78
N ARG B 16 1.74 0.15 -8.05
CA ARG B 16 2.47 1.36 -8.43
C ARG B 16 3.00 2.03 -7.18
N ALA B 17 2.09 2.42 -6.28
CA ALA B 17 2.47 3.06 -5.03
C ALA B 17 3.56 2.22 -4.38
N LEU B 18 3.55 0.94 -4.72
CA LEU B 18 4.52 0.00 -4.21
C LEU B 18 5.89 0.32 -4.79
N VAL B 19 5.95 0.31 -6.12
CA VAL B 19 7.18 0.60 -6.85
C VAL B 19 7.71 1.99 -6.49
N ARG B 20 6.87 2.77 -5.81
CA ARG B 20 7.23 4.12 -5.42
C ARG B 20 8.03 4.15 -4.12
N VAL B 21 7.52 3.47 -3.09
CA VAL B 21 8.18 3.48 -1.78
C VAL B 21 9.12 2.28 -1.59
N CYS B 22 8.71 1.10 -2.04
CA CYS B 22 9.54 -0.09 -1.88
C CYS B 22 10.33 -0.40 -3.14
N GLY B 23 9.84 0.04 -4.29
CA GLY B 23 10.54 -0.20 -5.55
C GLY B 23 11.16 -1.58 -5.63
N GLY B 24 10.36 -2.61 -5.40
CA GLY B 24 10.85 -3.98 -5.46
C GLY B 24 11.48 -4.33 -6.80
N PRO B 25 12.11 -5.51 -6.89
CA PRO B 25 12.78 -5.95 -8.12
C PRO B 25 11.81 -6.46 -9.19
N LYS B 26 10.51 -6.47 -8.89
CA LYS B 26 9.53 -6.94 -9.87
C LYS B 26 8.85 -5.78 -10.59
N TRP B 27 7.82 -5.23 -9.96
CA TRP B 27 7.06 -4.10 -10.53
C TRP B 27 8.01 -3.03 -11.07
N ALA A 1 -5.69 -13.23 10.55
CA ALA A 1 -5.98 -11.84 10.97
C ALA A 1 -7.17 -11.27 10.20
N ALA A 2 -8.25 -10.98 10.92
CA ALA A 2 -9.46 -10.44 10.31
C ALA A 2 -9.21 -9.05 9.74
N ALA A 3 -9.81 -8.79 8.57
CA ALA A 3 -9.66 -7.50 7.91
C ALA A 3 -8.20 -7.06 7.84
N THR A 4 -7.31 -8.00 7.56
CA THR A 4 -5.90 -7.69 7.47
C THR A 4 -5.27 -8.35 6.25
N ASN A 5 -5.26 -7.63 5.14
CA ASN A 5 -4.68 -8.11 3.89
C ASN A 5 -4.10 -6.93 3.11
N PRO A 6 -2.96 -7.10 2.44
CA PRO A 6 -2.29 -6.02 1.70
C PRO A 6 -3.23 -5.33 0.69
N ALA A 7 -3.09 -5.70 -0.58
CA ALA A 7 -3.91 -5.13 -1.66
C ALA A 7 -5.35 -4.87 -1.24
N ARG A 8 -5.97 -5.87 -0.61
CA ARG A 8 -7.36 -5.74 -0.18
C ARG A 8 -7.56 -4.53 0.74
N TYR A 9 -6.75 -4.46 1.79
CA TYR A 9 -6.84 -3.36 2.74
C TYR A 9 -6.59 -2.02 2.06
N CYS A 10 -5.48 -1.95 1.32
CA CYS A 10 -5.10 -0.73 0.61
C CYS A 10 -6.19 -0.28 -0.37
N CYS A 11 -7.04 -1.21 -0.77
CA CYS A 11 -8.11 -0.91 -1.72
C CYS A 11 -9.41 -0.59 -0.99
N LEU A 12 -9.52 -1.02 0.26
CA LEU A 12 -10.73 -0.78 1.04
C LEU A 12 -10.65 0.50 1.85
N SER A 13 -10.07 0.42 3.05
CA SER A 13 -9.95 1.57 3.93
C SER A 13 -8.93 2.58 3.39
N GLY A 14 -8.20 2.17 2.36
CA GLY A 14 -7.20 3.05 1.78
C GLY A 14 -5.79 2.68 2.19
N CYS A 15 -4.80 3.42 1.68
CA CYS A 15 -3.41 3.16 2.00
C CYS A 15 -2.52 4.33 1.67
N THR A 16 -1.98 4.97 2.70
CA THR A 16 -1.07 6.09 2.50
C THR A 16 0.28 5.56 2.03
N GLN A 17 1.35 6.26 2.37
CA GLN A 17 2.68 5.80 1.99
C GLN A 17 3.22 4.87 3.07
N GLN A 18 2.83 5.13 4.31
CA GLN A 18 3.25 4.31 5.44
C GLN A 18 2.38 3.06 5.52
N ASP A 19 1.11 3.22 5.22
CA ASP A 19 0.17 2.09 5.22
C ASP A 19 0.49 1.17 4.05
N LEU A 20 1.32 1.68 3.14
CA LEU A 20 1.73 0.96 1.97
C LEU A 20 3.08 0.33 2.26
N LEU A 21 3.92 1.13 2.89
CA LEU A 21 5.25 0.69 3.32
C LEU A 21 5.13 -0.58 4.15
N THR A 22 4.14 -0.60 5.04
CA THR A 22 3.89 -1.77 5.88
C THR A 22 3.82 -3.04 5.07
N LEU A 23 3.52 -2.87 3.79
CA LEU A 23 3.40 -4.00 2.90
C LEU A 23 4.69 -4.26 2.14
N CYS A 24 5.41 -3.19 1.79
CA CYS A 24 6.70 -3.30 1.10
C CYS A 24 7.27 -4.73 1.09
N PRO A 25 7.58 -5.33 2.26
CA PRO A 25 8.12 -6.69 2.34
C PRO A 25 7.04 -7.78 2.32
N TYR A 26 6.75 -8.32 1.14
CA TYR A 26 5.75 -9.38 1.00
C TYR A 26 5.74 -9.94 -0.41
N GLY A 27 5.88 -9.06 -1.40
CA GLY A 27 5.88 -9.49 -2.79
C GLY A 27 6.93 -8.77 -3.61
N PRO B 1 2.39 20.08 8.70
CA PRO B 1 1.11 19.64 9.29
C PRO B 1 0.24 18.95 8.24
N THR B 2 0.89 18.29 7.28
CA THR B 2 0.16 17.59 6.22
C THR B 2 -0.31 16.21 6.70
N PRO B 3 -1.61 15.90 6.52
CA PRO B 3 -2.17 14.61 6.93
C PRO B 3 -1.93 13.51 5.91
N GLU B 4 -1.71 12.29 6.40
CA GLU B 4 -1.47 11.15 5.53
C GLU B 4 -2.76 10.72 4.83
N MET B 5 -3.03 11.32 3.67
CA MET B 5 -4.23 11.00 2.92
C MET B 5 -4.07 9.69 2.15
N ARG B 6 -4.93 8.71 2.45
CA ARG B 6 -4.88 7.42 1.78
C ARG B 6 -5.23 7.57 0.31
N GLU B 7 -4.82 6.62 -0.51
CA GLU B 7 -5.08 6.66 -1.94
C GLU B 7 -5.72 5.36 -2.44
N LYS B 8 -6.59 4.77 -1.61
CA LYS B 8 -7.27 3.54 -1.94
C LYS B 8 -6.55 2.77 -3.03
N LEU B 9 -5.34 2.36 -2.72
CA LEU B 9 -4.49 1.62 -3.65
C LEU B 9 -5.16 0.33 -4.09
N CYS B 10 -5.93 0.41 -5.17
CA CYS B 10 -6.65 -0.74 -5.69
C CYS B 10 -6.24 -1.04 -7.13
N GLY B 11 -6.30 -2.32 -7.50
CA GLY B 11 -5.93 -2.71 -8.84
C GLY B 11 -4.46 -2.45 -9.16
N HIS B 12 -4.21 -1.46 -9.99
CA HIS B 12 -2.86 -1.10 -10.38
C HIS B 12 -2.31 0.02 -9.49
N HIS B 13 -3.20 0.65 -8.73
CA HIS B 13 -2.80 1.74 -7.84
C HIS B 13 -1.79 1.25 -6.80
N PHE B 14 -2.10 0.11 -6.16
CA PHE B 14 -1.20 -0.44 -5.15
C PHE B 14 0.06 -0.97 -5.81
N VAL B 15 -0.09 -1.53 -7.00
CA VAL B 15 1.05 -2.07 -7.74
C VAL B 15 2.07 -0.95 -8.01
N ARG B 16 1.57 0.25 -8.26
CA ARG B 16 2.42 1.40 -8.53
C ARG B 16 2.93 2.00 -7.24
N ALA B 17 1.99 2.48 -6.43
CA ALA B 17 2.32 3.09 -5.14
C ALA B 17 3.38 2.28 -4.40
N LEU B 18 3.33 0.97 -4.59
CA LEU B 18 4.26 0.09 -3.93
C LEU B 18 5.59 0.08 -4.67
N VAL B 19 5.56 -0.04 -6.00
CA VAL B 19 6.78 -0.01 -6.77
C VAL B 19 7.52 1.31 -6.54
N ARG B 20 6.84 2.22 -5.84
CA ARG B 20 7.39 3.53 -5.53
C ARG B 20 8.16 3.54 -4.22
N VAL B 21 7.48 3.15 -3.13
CA VAL B 21 8.12 3.15 -1.81
C VAL B 21 9.01 1.93 -1.56
N CYS B 22 8.62 0.78 -2.11
CA CYS B 22 9.39 -0.44 -1.89
C CYS B 22 9.93 -1.05 -3.19
N GLY B 23 9.42 -0.57 -4.32
CA GLY B 23 9.87 -1.11 -5.60
C GLY B 23 9.81 -2.63 -5.64
N GLY B 24 10.62 -3.24 -6.51
CA GLY B 24 10.64 -4.68 -6.61
C GLY B 24 10.89 -5.17 -8.02
N PRO B 25 10.96 -6.50 -8.21
CA PRO B 25 11.20 -7.11 -9.52
C PRO B 25 9.93 -7.37 -10.33
N LYS B 26 8.81 -7.59 -9.64
CA LYS B 26 7.55 -7.86 -10.35
C LYS B 26 6.96 -6.58 -10.93
N TRP B 27 6.34 -5.79 -10.08
CA TRP B 27 5.74 -4.52 -10.48
C TRP B 27 6.73 -3.68 -11.29
N ALA A 1 -14.42 0.94 6.96
CA ALA A 1 -13.81 1.84 7.97
C ALA A 1 -12.63 1.17 8.66
N ALA A 2 -12.71 -0.15 8.79
CA ALA A 2 -11.65 -0.92 9.42
C ALA A 2 -11.54 -2.31 8.80
N ALA A 3 -10.67 -2.44 7.80
CA ALA A 3 -10.47 -3.72 7.12
C ALA A 3 -9.13 -4.34 7.48
N THR A 4 -8.84 -5.48 6.87
CA THR A 4 -7.58 -6.18 7.12
C THR A 4 -6.91 -6.57 5.81
N ASN A 5 -5.78 -7.26 5.92
CA ASN A 5 -5.03 -7.71 4.75
C ASN A 5 -4.46 -6.52 3.98
N PRO A 6 -3.34 -6.71 3.26
CA PRO A 6 -2.68 -5.64 2.48
C PRO A 6 -3.61 -4.97 1.47
N ALA A 7 -3.41 -5.29 0.18
CA ALA A 7 -4.21 -4.72 -0.90
C ALA A 7 -5.69 -4.63 -0.52
N ARG A 8 -6.22 -5.68 0.07
CA ARG A 8 -7.61 -5.71 0.48
C ARG A 8 -7.98 -4.46 1.27
N TYR A 9 -7.10 -4.08 2.19
CA TYR A 9 -7.32 -2.90 3.02
C TYR A 9 -6.99 -1.61 2.26
N CYS A 10 -5.86 -1.62 1.55
CA CYS A 10 -5.42 -0.45 0.81
C CYS A 10 -6.30 -0.19 -0.42
N CYS A 11 -7.31 -1.02 -0.63
CA CYS A 11 -8.19 -0.85 -1.78
C CYS A 11 -9.62 -0.52 -1.37
N LEU A 12 -10.03 -0.97 -0.20
CA LEU A 12 -11.39 -0.71 0.30
C LEU A 12 -11.49 0.59 1.08
N SER A 13 -10.76 0.67 2.18
CA SER A 13 -10.81 1.86 3.03
C SER A 13 -9.72 2.87 2.66
N GLY A 14 -8.59 2.37 2.17
CA GLY A 14 -7.49 3.27 1.81
C GLY A 14 -6.34 3.16 2.78
N CYS A 15 -5.13 3.50 2.33
CA CYS A 15 -3.97 3.43 3.19
C CYS A 15 -2.87 4.37 2.73
N THR A 16 -2.14 4.94 3.68
CA THR A 16 -1.07 5.89 3.40
C THR A 16 0.21 5.20 2.97
N GLN A 17 1.29 5.99 2.90
CA GLN A 17 2.60 5.47 2.49
C GLN A 17 3.16 4.50 3.53
N GLN A 18 2.75 4.67 4.78
CA GLN A 18 3.22 3.81 5.86
C GLN A 18 2.64 2.41 5.72
N ASP A 19 1.36 2.32 5.43
CA ASP A 19 0.70 1.02 5.26
C ASP A 19 1.26 0.31 4.04
N LEU A 20 1.80 1.10 3.11
CA LEU A 20 2.38 0.59 1.92
C LEU A 20 3.79 0.14 2.25
N LEU A 21 4.41 0.92 3.11
CA LEU A 21 5.75 0.62 3.62
C LEU A 21 5.76 -0.77 4.25
N THR A 22 4.64 -1.15 4.87
CA THR A 22 4.51 -2.46 5.50
C THR A 22 4.18 -3.54 4.48
N LEU A 23 4.10 -3.13 3.23
CA LEU A 23 3.81 -4.04 2.13
C LEU A 23 4.79 -3.81 0.98
N CYS A 24 5.80 -3.00 1.28
CA CYS A 24 6.82 -2.63 0.32
C CYS A 24 7.63 -3.81 -0.26
N PRO A 25 8.67 -4.33 0.42
CA PRO A 25 9.50 -5.43 -0.13
C PRO A 25 8.70 -6.69 -0.42
N TYR A 26 8.25 -7.35 0.65
CA TYR A 26 7.46 -8.57 0.55
C TYR A 26 6.55 -8.56 -0.68
N GLY A 27 6.88 -9.39 -1.66
CA GLY A 27 6.08 -9.45 -2.88
C GLY A 27 6.73 -8.71 -4.03
N PRO B 1 4.91 18.16 5.32
CA PRO B 1 3.98 19.07 6.03
C PRO B 1 2.57 18.97 5.45
N THR B 2 2.20 17.77 5.01
CA THR B 2 0.88 17.54 4.43
C THR B 2 0.26 16.25 4.97
N PRO B 3 -1.06 16.26 5.25
CA PRO B 3 -1.76 15.08 5.77
C PRO B 3 -1.61 13.86 4.86
N GLU B 4 -1.26 12.74 5.46
CA GLU B 4 -1.07 11.50 4.71
C GLU B 4 -2.39 11.04 4.06
N MET B 5 -2.62 11.48 2.83
CA MET B 5 -3.82 11.11 2.10
C MET B 5 -3.75 9.67 1.63
N ARG B 6 -4.56 8.81 2.23
CA ARG B 6 -4.58 7.39 1.87
C ARG B 6 -5.41 7.14 0.63
N GLU B 7 -4.80 6.53 -0.37
CA GLU B 7 -5.48 6.22 -1.62
C GLU B 7 -6.06 4.81 -1.58
N LYS B 8 -7.13 4.60 -2.35
CA LYS B 8 -7.76 3.29 -2.42
C LYS B 8 -6.99 2.38 -3.36
N LEU B 9 -5.69 2.32 -3.13
CA LEU B 9 -4.77 1.53 -3.92
C LEU B 9 -5.34 0.14 -4.21
N CYS B 10 -5.94 0.01 -5.38
CA CYS B 10 -6.54 -1.24 -5.80
C CYS B 10 -6.04 -1.67 -7.19
N GLY B 11 -5.80 -2.96 -7.36
CA GLY B 11 -5.33 -3.46 -8.64
C GLY B 11 -3.93 -3.00 -8.96
N HIS B 12 -3.81 -2.13 -9.97
CA HIS B 12 -2.52 -1.61 -10.39
C HIS B 12 -2.13 -0.38 -9.58
N HIS B 13 -3.12 0.25 -8.95
CA HIS B 13 -2.85 1.44 -8.15
C HIS B 13 -1.91 1.12 -6.99
N PHE B 14 -2.13 -0.03 -6.35
CA PHE B 14 -1.27 -0.43 -5.25
C PHE B 14 0.05 -0.91 -5.78
N VAL B 15 0.03 -1.67 -6.88
CA VAL B 15 1.25 -2.17 -7.49
C VAL B 15 2.16 -1.01 -7.88
N ARG B 16 1.55 0.12 -8.22
CA ARG B 16 2.30 1.32 -8.59
C ARG B 16 2.80 2.01 -7.34
N ALA B 17 1.86 2.29 -6.42
CA ALA B 17 2.22 2.91 -5.16
C ALA B 17 3.37 2.13 -4.54
N LEU B 18 3.30 0.82 -4.75
CA LEU B 18 4.29 -0.11 -4.28
C LEU B 18 5.64 0.23 -4.90
N VAL B 19 5.73 0.07 -6.22
CA VAL B 19 6.95 0.36 -6.96
C VAL B 19 7.48 1.77 -6.69
N ARG B 20 6.68 2.59 -6.01
CA ARG B 20 7.06 3.96 -5.68
C ARG B 20 7.94 4.01 -4.44
N VAL B 21 7.32 3.85 -3.26
CA VAL B 21 8.04 3.91 -2.00
C VAL B 21 8.74 2.59 -1.69
N CYS B 22 8.48 1.58 -2.53
CA CYS B 22 9.05 0.26 -2.31
C CYS B 22 9.94 -0.20 -3.46
N GLY B 23 9.68 0.32 -4.66
CA GLY B 23 10.47 -0.09 -5.81
C GLY B 23 10.20 -1.53 -6.18
N GLY B 24 10.83 -2.45 -5.45
CA GLY B 24 10.63 -3.87 -5.69
C GLY B 24 11.04 -4.32 -7.08
N PRO B 25 11.60 -5.55 -7.22
CA PRO B 25 12.02 -6.09 -8.50
C PRO B 25 10.86 -6.80 -9.23
N LYS B 26 9.85 -7.21 -8.48
CA LYS B 26 8.69 -7.90 -9.05
C LYS B 26 7.92 -6.97 -9.99
N TRP B 27 7.09 -6.12 -9.40
CA TRP B 27 6.28 -5.17 -10.16
C TRP B 27 7.16 -4.27 -11.03
N ALA A 1 -0.68 -4.20 14.94
CA ALA A 1 -0.55 -5.62 14.55
C ALA A 1 -1.77 -6.09 13.77
N ALA A 2 -1.61 -7.19 13.03
CA ALA A 2 -2.70 -7.74 12.23
C ALA A 2 -3.26 -6.70 11.27
N ALA A 3 -2.66 -6.62 10.08
CA ALA A 3 -3.09 -5.67 9.06
C ALA A 3 -4.29 -6.20 8.29
N THR A 4 -4.86 -7.31 8.77
CA THR A 4 -6.01 -7.93 8.15
C THR A 4 -5.69 -8.44 6.74
N ASN A 5 -5.56 -7.53 5.77
CA ASN A 5 -5.24 -7.90 4.40
C ASN A 5 -4.44 -6.79 3.72
N PRO A 6 -3.62 -7.14 2.71
CA PRO A 6 -2.82 -6.16 1.97
C PRO A 6 -3.64 -5.30 1.02
N ALA A 7 -3.35 -5.38 -0.27
CA ALA A 7 -4.06 -4.61 -1.29
C ALA A 7 -5.56 -4.59 -1.05
N ARG A 8 -6.10 -5.72 -0.58
CA ARG A 8 -7.53 -5.82 -0.30
C ARG A 8 -7.97 -4.70 0.61
N TYR A 9 -7.18 -4.45 1.65
CA TYR A 9 -7.45 -3.38 2.61
C TYR A 9 -7.26 -2.01 1.97
N CYS A 10 -6.08 -1.79 1.41
CA CYS A 10 -5.77 -0.51 0.79
C CYS A 10 -6.80 -0.12 -0.27
N CYS A 11 -7.49 -1.11 -0.82
CA CYS A 11 -8.50 -0.83 -1.85
C CYS A 11 -9.66 -0.06 -1.27
N LEU A 12 -9.78 -0.09 0.05
CA LEU A 12 -10.85 0.60 0.74
C LEU A 12 -10.31 1.28 1.99
N SER A 13 -10.97 2.37 2.38
CA SER A 13 -10.58 3.14 3.55
C SER A 13 -9.25 3.82 3.29
N GLY A 14 -8.68 3.51 2.13
CA GLY A 14 -7.43 4.11 1.76
C GLY A 14 -6.21 3.38 2.29
N CYS A 15 -5.04 3.91 1.99
CA CYS A 15 -3.78 3.32 2.44
C CYS A 15 -2.64 4.32 2.27
N THR A 16 -2.14 4.84 3.38
CA THR A 16 -1.05 5.82 3.34
C THR A 16 0.22 5.23 2.74
N GLN A 17 1.27 6.03 2.70
CA GLN A 17 2.55 5.60 2.14
C GLN A 17 3.28 4.68 3.09
N GLN A 18 3.06 4.87 4.39
CA GLN A 18 3.72 4.03 5.39
C GLN A 18 3.00 2.69 5.54
N ASP A 19 1.70 2.68 5.26
CA ASP A 19 0.92 1.45 5.33
C ASP A 19 1.22 0.62 4.10
N LEU A 20 1.72 1.30 3.09
CA LEU A 20 2.11 0.72 1.85
C LEU A 20 3.53 0.25 1.98
N LEU A 21 4.31 1.07 2.65
CA LEU A 21 5.71 0.82 2.92
C LEU A 21 5.91 -0.48 3.69
N THR A 22 5.08 -0.67 4.72
CA THR A 22 5.19 -1.84 5.57
C THR A 22 4.72 -3.12 4.90
N LEU A 23 3.98 -3.01 3.80
CA LEU A 23 3.50 -4.21 3.10
C LEU A 23 4.55 -4.80 2.20
N CYS A 24 5.18 -3.98 1.37
CA CYS A 24 6.21 -4.42 0.41
C CYS A 24 6.91 -5.74 0.80
N PRO A 25 7.45 -5.84 2.04
CA PRO A 25 8.13 -7.06 2.50
C PRO A 25 7.37 -8.35 2.18
N TYR A 26 6.15 -8.23 1.69
CA TYR A 26 5.33 -9.40 1.35
C TYR A 26 5.80 -10.01 0.03
N GLY A 27 6.19 -9.15 -0.90
CA GLY A 27 6.66 -9.62 -2.20
C GLY A 27 7.62 -8.65 -2.85
N PRO B 1 5.36 12.41 12.92
CA PRO B 1 6.17 13.56 12.46
C PRO B 1 5.49 14.30 11.31
N THR B 2 5.20 13.58 10.24
CA THR B 2 4.55 14.17 9.06
C THR B 2 3.17 13.54 8.84
N PRO B 3 2.25 14.29 8.21
CA PRO B 3 0.89 13.80 7.92
C PRO B 3 0.88 12.65 6.92
N GLU B 4 -0.22 11.91 6.87
CA GLU B 4 -0.35 10.79 5.97
C GLU B 4 -1.66 10.86 5.18
N MET B 5 -1.59 10.56 3.89
CA MET B 5 -2.76 10.58 3.03
C MET B 5 -3.13 9.17 2.57
N ARG B 6 -4.21 8.63 3.13
CA ARG B 6 -4.66 7.30 2.78
C ARG B 6 -5.11 7.23 1.32
N GLU B 7 -4.32 6.58 0.48
CA GLU B 7 -4.64 6.44 -0.93
C GLU B 7 -5.44 5.17 -1.16
N LYS B 8 -6.55 5.28 -1.87
CA LYS B 8 -7.37 4.13 -2.17
C LYS B 8 -6.66 3.23 -3.16
N LEU B 9 -5.73 2.46 -2.64
CA LEU B 9 -4.90 1.56 -3.45
C LEU B 9 -5.53 0.18 -3.57
N CYS B 10 -6.10 -0.10 -4.74
CA CYS B 10 -6.75 -1.38 -4.98
C CYS B 10 -5.82 -2.37 -5.68
N GLY B 11 -5.95 -2.49 -7.00
CA GLY B 11 -5.12 -3.41 -7.75
C GLY B 11 -3.80 -2.78 -8.16
N HIS B 12 -3.73 -2.35 -9.41
CA HIS B 12 -2.52 -1.72 -9.93
C HIS B 12 -2.16 -0.47 -9.14
N HIS B 13 -3.17 0.15 -8.53
CA HIS B 13 -2.95 1.35 -7.73
C HIS B 13 -1.95 1.05 -6.62
N PHE B 14 -2.22 0.00 -5.85
CA PHE B 14 -1.33 -0.38 -4.77
C PHE B 14 0.03 -0.75 -5.33
N VAL B 15 0.09 -1.81 -6.12
CA VAL B 15 1.34 -2.28 -6.73
C VAL B 15 2.19 -1.12 -7.26
N ARG B 16 1.52 -0.06 -7.69
CA ARG B 16 2.21 1.12 -8.18
C ARG B 16 2.78 1.90 -7.00
N ALA B 17 1.89 2.26 -6.09
CA ALA B 17 2.29 2.96 -4.89
C ALA B 17 3.38 2.14 -4.20
N LEU B 18 3.40 0.85 -4.54
CA LEU B 18 4.36 -0.07 -3.97
C LEU B 18 5.72 0.17 -4.61
N VAL B 19 5.74 0.09 -5.94
CA VAL B 19 6.95 0.31 -6.71
C VAL B 19 7.53 1.71 -6.45
N ARG B 20 6.72 2.54 -5.80
CA ARG B 20 7.11 3.91 -5.50
C ARG B 20 7.93 4.01 -4.20
N VAL B 21 7.37 3.51 -3.10
CA VAL B 21 8.04 3.59 -1.81
C VAL B 21 9.03 2.43 -1.59
N CYS B 22 8.66 1.24 -2.00
CA CYS B 22 9.53 0.10 -1.81
C CYS B 22 9.99 -0.49 -3.14
N GLY B 23 10.95 0.19 -3.76
CA GLY B 23 11.50 -0.30 -5.02
C GLY B 23 11.98 -1.73 -4.91
N GLY B 24 11.09 -2.67 -5.21
CA GLY B 24 11.43 -4.08 -5.12
C GLY B 24 11.95 -4.65 -6.41
N PRO B 25 12.47 -5.90 -6.38
CA PRO B 25 13.00 -6.58 -7.55
C PRO B 25 11.93 -7.32 -8.33
N LYS B 26 10.70 -7.30 -7.82
CA LYS B 26 9.58 -7.98 -8.48
C LYS B 26 8.86 -7.03 -9.42
N TRP B 27 8.33 -5.94 -8.87
CA TRP B 27 7.61 -4.95 -9.66
C TRP B 27 8.58 -4.06 -10.44
N ALA A 1 -2.03 -5.67 6.31
CA ALA A 1 -1.61 -4.65 7.31
C ALA A 1 -2.71 -4.40 8.35
N ALA A 2 -2.60 -5.09 9.48
CA ALA A 2 -3.58 -4.95 10.55
C ALA A 2 -4.98 -5.29 10.07
N ALA A 3 -5.06 -6.11 9.03
CA ALA A 3 -6.35 -6.51 8.47
C ALA A 3 -6.28 -7.93 7.91
N THR A 4 -7.41 -8.40 7.36
CA THR A 4 -7.48 -9.74 6.79
C THR A 4 -6.51 -9.90 5.61
N ASN A 5 -6.44 -8.88 4.76
CA ASN A 5 -5.56 -8.92 3.60
C ASN A 5 -5.05 -7.52 3.25
N PRO A 6 -3.91 -7.43 2.54
CA PRO A 6 -3.32 -6.15 2.14
C PRO A 6 -4.14 -5.44 1.06
N ALA A 7 -3.80 -5.71 -0.20
CA ALA A 7 -4.50 -5.10 -1.33
C ALA A 7 -6.00 -4.94 -1.08
N ARG A 8 -6.60 -5.93 -0.42
CA ARG A 8 -8.02 -5.88 -0.11
C ARG A 8 -8.35 -4.68 0.76
N TYR A 9 -7.62 -4.54 1.87
CA TYR A 9 -7.83 -3.44 2.79
C TYR A 9 -7.32 -2.13 2.20
N CYS A 10 -6.12 -2.17 1.64
CA CYS A 10 -5.49 -1.00 1.04
C CYS A 10 -6.38 -0.38 -0.04
N CYS A 11 -7.26 -1.18 -0.64
CA CYS A 11 -8.14 -0.70 -1.68
C CYS A 11 -9.41 -0.07 -1.09
N LEU A 12 -10.25 -0.92 -0.50
CA LEU A 12 -11.51 -0.47 0.09
C LEU A 12 -11.30 0.71 1.03
N SER A 13 -10.77 0.43 2.23
CA SER A 13 -10.54 1.47 3.20
C SER A 13 -9.50 2.48 2.72
N GLY A 14 -8.26 2.03 2.61
CA GLY A 14 -7.19 2.90 2.15
C GLY A 14 -5.84 2.53 2.75
N CYS A 15 -4.77 2.96 2.08
CA CYS A 15 -3.43 2.67 2.56
C CYS A 15 -2.48 3.83 2.24
N THR A 16 -1.96 4.45 3.30
CA THR A 16 -1.04 5.57 3.15
C THR A 16 0.33 5.09 2.73
N GLN A 17 1.22 6.02 2.41
CA GLN A 17 2.58 5.67 1.99
C GLN A 17 3.27 4.82 3.05
N GLN A 18 2.98 5.10 4.32
CA GLN A 18 3.58 4.36 5.41
C GLN A 18 2.97 2.96 5.49
N ASP A 19 1.65 2.88 5.37
CA ASP A 19 0.94 1.62 5.43
C ASP A 19 1.21 0.79 4.18
N LEU A 20 1.86 1.42 3.20
CA LEU A 20 2.19 0.78 1.96
C LEU A 20 3.62 0.27 2.06
N LEU A 21 4.47 1.17 2.52
CA LEU A 21 5.87 0.92 2.75
C LEU A 21 6.11 -0.40 3.45
N THR A 22 5.66 -0.48 4.69
CA THR A 22 5.84 -1.67 5.51
C THR A 22 5.23 -2.91 4.88
N LEU A 23 4.35 -2.72 3.90
CA LEU A 23 3.75 -3.85 3.22
C LEU A 23 4.75 -4.53 2.30
N CYS A 24 5.41 -3.73 1.46
CA CYS A 24 6.40 -4.22 0.49
C CYS A 24 6.86 -5.67 0.75
N PRO A 25 7.44 -5.98 1.94
CA PRO A 25 7.88 -7.35 2.26
C PRO A 25 6.80 -8.40 2.00
N TYR A 26 6.66 -8.81 0.75
CA TYR A 26 5.67 -9.82 0.37
C TYR A 26 5.78 -10.17 -1.11
N GLY A 27 6.11 -9.17 -1.93
CA GLY A 27 6.25 -9.40 -3.36
C GLY A 27 7.41 -8.65 -3.98
N PRO B 1 0.02 18.80 7.78
CA PRO B 1 -1.05 18.81 6.75
C PRO B 1 -0.99 17.57 5.88
N THR B 2 -0.43 16.49 6.43
CA THR B 2 -0.31 15.23 5.70
C THR B 2 -0.40 14.01 6.63
N PRO B 3 -1.25 14.09 7.66
CA PRO B 3 -1.45 13.00 8.62
C PRO B 3 -2.04 11.75 7.98
N GLU B 4 -1.16 10.79 7.67
CA GLU B 4 -1.56 9.53 7.04
C GLU B 4 -2.64 9.74 5.98
N MET B 5 -2.23 10.03 4.75
CA MET B 5 -3.16 10.25 3.65
C MET B 5 -3.37 8.97 2.85
N ARG B 6 -4.43 8.24 3.19
CA ARG B 6 -4.75 6.99 2.50
C ARG B 6 -5.09 7.26 1.04
N GLU B 7 -4.55 6.43 0.14
CA GLU B 7 -4.79 6.58 -1.29
C GLU B 7 -5.41 5.32 -1.88
N LYS B 8 -6.29 4.68 -1.11
CA LYS B 8 -6.98 3.48 -1.53
C LYS B 8 -6.18 2.70 -2.57
N LEU B 9 -5.05 2.20 -2.14
CA LEU B 9 -4.15 1.44 -3.00
C LEU B 9 -4.75 0.07 -3.32
N CYS B 10 -5.35 -0.05 -4.50
CA CYS B 10 -5.97 -1.31 -4.93
C CYS B 10 -4.98 -2.20 -5.67
N GLY B 11 -5.48 -3.26 -6.31
CA GLY B 11 -4.62 -4.18 -7.03
C GLY B 11 -3.72 -3.49 -8.04
N HIS B 12 -4.01 -2.24 -8.36
CA HIS B 12 -3.20 -1.49 -9.32
C HIS B 12 -2.51 -0.31 -8.65
N HIS B 13 -3.28 0.50 -7.92
CA HIS B 13 -2.73 1.67 -7.24
C HIS B 13 -1.70 1.24 -6.20
N PHE B 14 -1.91 0.07 -5.60
CA PHE B 14 -1.00 -0.45 -4.60
C PHE B 14 0.26 -0.98 -5.26
N VAL B 15 0.08 -1.60 -6.42
CA VAL B 15 1.20 -2.14 -7.19
C VAL B 15 2.15 -1.01 -7.59
N ARG B 16 1.57 0.13 -7.93
CA ARG B 16 2.34 1.30 -8.33
C ARG B 16 2.90 2.03 -7.12
N ALA B 17 2.01 2.47 -6.24
CA ALA B 17 2.40 3.17 -5.03
C ALA B 17 3.54 2.44 -4.33
N LEU B 18 3.60 1.14 -4.54
CA LEU B 18 4.59 0.32 -3.93
C LEU B 18 5.90 0.39 -4.70
N VAL B 19 5.83 0.28 -6.03
CA VAL B 19 7.02 0.39 -6.86
C VAL B 19 7.68 1.74 -6.63
N ARG B 20 6.94 2.63 -5.97
CA ARG B 20 7.40 3.97 -5.66
C ARG B 20 8.18 4.03 -4.35
N VAL B 21 7.56 3.54 -3.27
CA VAL B 21 8.20 3.59 -1.95
C VAL B 21 9.23 2.48 -1.73
N CYS B 22 8.89 1.23 -2.06
CA CYS B 22 9.81 0.12 -1.85
C CYS B 22 10.34 -0.46 -3.16
N GLY B 23 9.71 -0.09 -4.26
CA GLY B 23 10.14 -0.61 -5.56
C GLY B 23 10.21 -2.13 -5.58
N GLY B 24 10.95 -2.68 -6.54
CA GLY B 24 11.09 -4.12 -6.65
C GLY B 24 11.24 -4.60 -8.08
N PRO B 25 11.61 -5.87 -8.30
CA PRO B 25 11.80 -6.44 -9.62
C PRO B 25 10.50 -6.93 -10.26
N LYS B 26 9.46 -7.11 -9.45
CA LYS B 26 8.17 -7.58 -9.95
C LYS B 26 7.42 -6.46 -10.67
N TRP B 27 6.79 -5.59 -9.89
CA TRP B 27 6.04 -4.46 -10.41
C TRP B 27 6.86 -3.66 -11.42
N ALA A 1 -11.22 0.14 12.28
CA ALA A 1 -10.55 -0.53 11.12
C ALA A 1 -10.05 -1.91 11.51
N ALA A 2 -10.98 -2.84 11.71
CA ALA A 2 -10.62 -4.21 12.08
C ALA A 2 -9.99 -4.95 10.92
N ALA A 3 -9.30 -6.05 11.23
CA ALA A 3 -8.65 -6.86 10.21
C ALA A 3 -7.52 -6.10 9.52
N THR A 4 -6.38 -6.76 9.34
CA THR A 4 -5.24 -6.13 8.71
C THR A 4 -4.88 -6.85 7.40
N ASN A 5 -5.38 -6.31 6.29
CA ASN A 5 -5.13 -6.89 4.97
C ASN A 5 -4.22 -5.98 4.14
N PRO A 6 -3.64 -6.51 3.05
CA PRO A 6 -2.77 -5.72 2.16
C PRO A 6 -3.57 -4.87 1.16
N ALA A 7 -3.33 -5.07 -0.14
CA ALA A 7 -4.02 -4.32 -1.19
C ALA A 7 -5.52 -4.30 -0.97
N ARG A 8 -6.08 -5.47 -0.65
CA ARG A 8 -7.51 -5.59 -0.41
C ARG A 8 -7.97 -4.57 0.61
N TYR A 9 -7.09 -4.26 1.55
CA TYR A 9 -7.37 -3.27 2.58
C TYR A 9 -7.15 -1.85 2.07
N CYS A 10 -5.98 -1.63 1.48
CA CYS A 10 -5.63 -0.32 0.95
C CYS A 10 -6.63 0.14 -0.11
N CYS A 11 -7.43 -0.80 -0.60
CA CYS A 11 -8.42 -0.50 -1.62
C CYS A 11 -9.74 -0.06 -1.02
N LEU A 12 -10.39 -0.97 -0.30
CA LEU A 12 -11.68 -0.71 0.32
C LEU A 12 -11.67 0.58 1.14
N SER A 13 -10.95 0.59 2.26
CA SER A 13 -10.88 1.76 3.11
C SER A 13 -9.83 2.76 2.63
N GLY A 14 -8.56 2.36 2.68
CA GLY A 14 -7.48 3.24 2.27
C GLY A 14 -6.28 3.13 3.18
N CYS A 15 -5.09 3.32 2.62
CA CYS A 15 -3.87 3.24 3.41
C CYS A 15 -2.82 4.22 2.89
N THR A 16 -2.04 4.77 3.81
CA THR A 16 -1.02 5.77 3.47
C THR A 16 0.29 5.14 3.02
N GLN A 17 1.27 5.99 2.72
CA GLN A 17 2.58 5.54 2.28
C GLN A 17 3.24 4.65 3.33
N GLN A 18 2.97 4.94 4.60
CA GLN A 18 3.52 4.16 5.69
C GLN A 18 2.95 2.74 5.70
N ASP A 19 1.66 2.63 5.38
CA ASP A 19 0.99 1.34 5.35
C ASP A 19 1.36 0.57 4.08
N LEU A 20 1.87 1.30 3.10
CA LEU A 20 2.28 0.73 1.85
C LEU A 20 3.71 0.21 2.01
N LEU A 21 4.49 1.03 2.66
CA LEU A 21 5.86 0.74 2.99
C LEU A 21 6.02 -0.61 3.67
N THR A 22 5.34 -0.78 4.78
CA THR A 22 5.42 -2.00 5.57
C THR A 22 5.10 -3.27 4.78
N LEU A 23 4.35 -3.15 3.69
CA LEU A 23 4.02 -4.33 2.88
C LEU A 23 5.14 -4.66 1.92
N CYS A 24 5.75 -3.62 1.37
CA CYS A 24 6.86 -3.74 0.44
C CYS A 24 7.69 -5.01 0.62
N PRO A 25 8.18 -5.31 1.85
CA PRO A 25 8.99 -6.50 2.09
C PRO A 25 8.16 -7.78 2.19
N TYR A 26 7.24 -7.97 1.24
CA TYR A 26 6.40 -9.17 1.23
C TYR A 26 6.85 -10.13 0.14
N GLY A 27 7.35 -9.57 -0.95
CA GLY A 27 7.82 -10.39 -2.06
C GLY A 27 9.01 -9.78 -2.78
N PRO B 1 -1.64 14.61 15.47
CA PRO B 1 -3.03 14.12 15.43
C PRO B 1 -3.64 14.31 14.04
N THR B 2 -2.90 14.97 13.16
CA THR B 2 -3.36 15.22 11.80
C THR B 2 -3.59 13.92 11.04
N PRO B 3 -4.68 13.84 10.24
CA PRO B 3 -4.99 12.64 9.46
C PRO B 3 -4.15 12.54 8.19
N GLU B 4 -3.54 11.39 7.97
CA GLU B 4 -2.71 11.16 6.80
C GLU B 4 -3.57 10.82 5.58
N MET B 5 -3.22 11.40 4.43
CA MET B 5 -3.96 11.16 3.20
C MET B 5 -3.67 9.77 2.65
N ARG B 6 -4.60 8.85 2.87
CA ARG B 6 -4.44 7.48 2.38
C ARG B 6 -5.20 7.27 1.07
N GLU B 7 -4.56 6.58 0.14
CA GLU B 7 -5.18 6.31 -1.16
C GLU B 7 -5.85 4.94 -1.17
N LYS B 8 -6.92 4.82 -1.95
CA LYS B 8 -7.65 3.57 -2.07
C LYS B 8 -6.92 2.63 -3.03
N LEU B 9 -5.64 2.47 -2.75
CA LEU B 9 -4.75 1.63 -3.55
C LEU B 9 -5.35 0.25 -3.78
N CYS B 10 -5.99 0.10 -4.93
CA CYS B 10 -6.63 -1.16 -5.30
C CYS B 10 -5.82 -1.90 -6.36
N GLY B 11 -5.28 -3.06 -5.98
CA GLY B 11 -4.49 -3.86 -6.90
C GLY B 11 -3.41 -3.07 -7.61
N HIS B 12 -3.61 -2.85 -8.90
CA HIS B 12 -2.65 -2.09 -9.72
C HIS B 12 -2.23 -0.80 -9.02
N HIS B 13 -3.20 -0.08 -8.48
CA HIS B 13 -2.92 1.18 -7.78
C HIS B 13 -1.93 0.93 -6.66
N PHE B 14 -2.16 -0.11 -5.88
CA PHE B 14 -1.26 -0.43 -4.78
C PHE B 14 0.10 -0.77 -5.34
N VAL B 15 0.19 -1.82 -6.15
CA VAL B 15 1.45 -2.25 -6.77
C VAL B 15 2.25 -1.06 -7.30
N ARG B 16 1.55 -0.03 -7.77
CA ARG B 16 2.22 1.16 -8.28
C ARG B 16 2.77 1.96 -7.10
N ALA B 17 1.89 2.25 -6.14
CA ALA B 17 2.30 2.96 -4.95
C ALA B 17 3.42 2.17 -4.28
N LEU B 18 3.44 0.88 -4.61
CA LEU B 18 4.45 -0.01 -4.09
C LEU B 18 5.74 0.26 -4.84
N VAL B 19 5.63 0.32 -6.15
CA VAL B 19 6.75 0.59 -7.03
C VAL B 19 7.40 1.93 -6.66
N ARG B 20 6.67 2.75 -5.91
CA ARG B 20 7.16 4.05 -5.50
C ARG B 20 8.03 3.98 -4.24
N VAL B 21 7.48 3.41 -3.16
CA VAL B 21 8.22 3.33 -1.90
C VAL B 21 8.95 1.99 -1.75
N CYS B 22 8.33 0.92 -2.22
CA CYS B 22 8.91 -0.41 -2.12
C CYS B 22 10.08 -0.58 -3.09
N GLY B 23 9.91 -0.13 -4.32
CA GLY B 23 10.96 -0.26 -5.31
C GLY B 23 11.59 -1.65 -5.33
N GLY B 24 10.78 -2.66 -5.00
CA GLY B 24 11.27 -4.03 -4.98
C GLY B 24 11.76 -4.48 -6.35
N PRO B 25 12.48 -5.62 -6.41
CA PRO B 25 13.03 -6.16 -7.65
C PRO B 25 12.02 -6.99 -8.44
N LYS B 26 10.75 -6.95 -8.05
CA LYS B 26 9.72 -7.71 -8.77
C LYS B 26 9.07 -6.86 -9.86
N TRP B 27 8.11 -6.05 -9.44
CA TRP B 27 7.37 -5.16 -10.34
C TRP B 27 8.32 -4.39 -11.26
N ALA A 1 -0.26 -7.34 8.34
CA ALA A 1 -0.04 -7.08 9.78
C ALA A 1 -1.14 -6.19 10.34
N ALA A 2 -2.04 -6.79 11.13
CA ALA A 2 -3.15 -6.05 11.74
C ALA A 2 -3.99 -5.36 10.67
N ALA A 3 -4.09 -5.98 9.50
CA ALA A 3 -4.87 -5.44 8.40
C ALA A 3 -5.51 -6.55 7.59
N THR A 4 -6.74 -6.31 7.14
CA THR A 4 -7.48 -7.29 6.35
C THR A 4 -6.91 -7.41 4.95
N ASN A 5 -5.78 -8.13 4.83
CA ASN A 5 -5.12 -8.33 3.55
C ASN A 5 -4.61 -7.01 2.97
N PRO A 6 -3.46 -7.04 2.27
CA PRO A 6 -2.85 -5.84 1.66
C PRO A 6 -3.78 -5.09 0.71
N ALA A 7 -3.51 -5.21 -0.60
CA ALA A 7 -4.29 -4.55 -1.63
C ALA A 7 -5.79 -4.59 -1.35
N ARG A 8 -6.26 -5.69 -0.76
CA ARG A 8 -7.67 -5.84 -0.43
C ARG A 8 -8.12 -4.76 0.54
N TYR A 9 -7.36 -4.58 1.62
CA TYR A 9 -7.68 -3.55 2.62
C TYR A 9 -7.56 -2.17 2.01
N CYS A 10 -6.47 -1.95 1.28
CA CYS A 10 -6.22 -0.67 0.64
C CYS A 10 -7.32 -0.32 -0.36
N CYS A 11 -7.93 -1.35 -0.93
CA CYS A 11 -8.99 -1.15 -1.92
C CYS A 11 -10.32 -0.82 -1.25
N LEU A 12 -10.30 -0.70 0.07
CA LEU A 12 -11.50 -0.38 0.84
C LEU A 12 -11.48 1.06 1.32
N SER A 13 -10.77 1.31 2.41
CA SER A 13 -10.69 2.64 2.99
C SER A 13 -9.47 3.40 2.46
N GLY A 14 -8.35 2.70 2.27
CA GLY A 14 -7.15 3.35 1.78
C GLY A 14 -5.95 3.10 2.66
N CYS A 15 -4.77 3.45 2.16
CA CYS A 15 -3.53 3.27 2.92
C CYS A 15 -2.52 4.34 2.54
N THR A 16 -1.76 4.79 3.53
CA THR A 16 -0.77 5.84 3.31
C THR A 16 0.63 5.25 3.06
N GLN A 17 1.62 6.13 2.96
CA GLN A 17 2.99 5.71 2.72
C GLN A 17 3.48 4.77 3.82
N GLN A 18 2.89 4.90 5.00
CA GLN A 18 3.26 4.06 6.14
C GLN A 18 2.80 2.62 5.92
N ASP A 19 1.50 2.46 5.67
CA ASP A 19 0.92 1.14 5.45
C ASP A 19 1.57 0.46 4.24
N LEU A 20 2.12 1.28 3.34
CA LEU A 20 2.77 0.80 2.16
C LEU A 20 4.20 0.40 2.49
N LEU A 21 4.83 1.25 3.29
CA LEU A 21 6.17 1.01 3.77
C LEU A 21 6.35 -0.44 4.18
N THR A 22 5.41 -0.90 4.99
CA THR A 22 5.45 -2.27 5.47
C THR A 22 4.97 -3.26 4.42
N LEU A 23 4.28 -2.76 3.39
CA LEU A 23 3.82 -3.62 2.32
C LEU A 23 4.82 -3.62 1.16
N CYS A 24 6.01 -3.11 1.47
CA CYS A 24 7.09 -3.07 0.51
C CYS A 24 7.83 -4.42 0.41
N PRO A 25 8.15 -5.05 1.55
CA PRO A 25 8.86 -6.33 1.56
C PRO A 25 7.99 -7.49 1.10
N TYR A 26 8.04 -7.77 -0.20
CA TYR A 26 7.25 -8.85 -0.80
C TYR A 26 8.17 -9.89 -1.42
N GLY A 27 8.69 -9.57 -2.60
CA GLY A 27 9.57 -10.46 -3.31
C GLY A 27 10.44 -9.73 -4.31
N PRO B 1 3.20 15.63 13.37
CA PRO B 1 2.97 14.20 13.09
C PRO B 1 3.00 13.92 11.59
N THR B 2 3.12 12.66 11.21
CA THR B 2 3.15 12.27 9.82
C THR B 2 1.85 12.66 9.11
N PRO B 3 1.93 13.04 7.81
CA PRO B 3 0.77 13.45 7.03
C PRO B 3 0.11 12.26 6.34
N GLU B 4 -0.80 11.60 7.06
CA GLU B 4 -1.53 10.45 6.51
C GLU B 4 -2.27 10.82 5.23
N MET B 5 -1.92 10.15 4.14
CA MET B 5 -2.55 10.41 2.84
C MET B 5 -2.87 9.10 2.14
N ARG B 6 -3.96 8.45 2.57
CA ARG B 6 -4.38 7.19 1.97
C ARG B 6 -4.64 7.37 0.47
N GLU B 7 -4.26 6.36 -0.31
CA GLU B 7 -4.45 6.41 -1.76
C GLU B 7 -5.19 5.19 -2.27
N LYS B 8 -6.16 4.70 -1.48
CA LYS B 8 -6.95 3.54 -1.83
C LYS B 8 -6.31 2.73 -2.96
N LEU B 9 -5.55 1.73 -2.56
CA LEU B 9 -4.83 0.89 -3.50
C LEU B 9 -5.58 -0.41 -3.76
N CYS B 10 -5.51 -0.89 -4.98
CA CYS B 10 -6.22 -2.11 -5.36
C CYS B 10 -5.38 -2.94 -6.34
N GLY B 11 -6.05 -3.57 -7.31
CA GLY B 11 -5.37 -4.41 -8.29
C GLY B 11 -4.06 -3.81 -8.81
N HIS B 12 -4.12 -2.58 -9.30
CA HIS B 12 -2.92 -1.94 -9.85
C HIS B 12 -2.47 -0.73 -9.03
N HIS B 13 -3.42 -0.01 -8.42
CA HIS B 13 -3.06 1.16 -7.61
C HIS B 13 -2.07 0.75 -6.52
N PHE B 14 -2.19 -0.49 -6.06
CA PHE B 14 -1.27 -1.00 -5.03
C PHE B 14 0.11 -1.19 -5.64
N VAL B 15 0.23 -2.20 -6.51
CA VAL B 15 1.51 -2.48 -7.18
C VAL B 15 2.19 -1.19 -7.67
N ARG B 16 1.38 -0.18 -7.97
CA ARG B 16 1.92 1.11 -8.39
C ARG B 16 2.56 1.82 -7.21
N ALA B 17 1.74 2.14 -6.21
CA ALA B 17 2.24 2.78 -5.01
C ALA B 17 3.42 1.98 -4.48
N LEU B 18 3.39 0.69 -4.79
CA LEU B 18 4.43 -0.23 -4.37
C LEU B 18 5.73 0.17 -5.07
N VAL B 19 5.67 0.20 -6.40
CA VAL B 19 6.80 0.57 -7.22
C VAL B 19 7.35 1.95 -6.84
N ARG B 20 6.55 2.71 -6.11
CA ARG B 20 6.95 4.05 -5.67
C ARG B 20 7.91 4.00 -4.48
N VAL B 21 7.35 3.77 -3.29
CA VAL B 21 8.15 3.71 -2.08
C VAL B 21 8.81 2.35 -1.92
N CYS B 22 8.13 1.32 -2.39
CA CYS B 22 8.64 -0.04 -2.33
C CYS B 22 9.39 -0.41 -3.59
N GLY B 23 9.92 0.62 -4.26
CA GLY B 23 10.68 0.40 -5.49
C GLY B 23 11.47 -0.88 -5.46
N GLY B 24 10.95 -1.90 -6.12
CA GLY B 24 11.60 -3.20 -6.15
C GLY B 24 12.08 -3.59 -7.53
N PRO B 25 12.79 -4.73 -7.65
CA PRO B 25 13.30 -5.23 -8.91
C PRO B 25 12.25 -5.99 -9.70
N LYS B 26 11.14 -6.33 -9.03
CA LYS B 26 10.03 -7.04 -9.66
C LYS B 26 9.19 -6.09 -10.50
N TRP B 27 8.36 -5.29 -9.81
CA TRP B 27 7.49 -4.33 -10.49
C TRP B 27 8.32 -3.30 -11.26
N ALA A 1 -6.84 -8.86 15.90
CA ALA A 1 -7.94 -9.76 15.47
C ALA A 1 -7.93 -9.97 13.96
N ALA A 2 -6.74 -10.32 13.43
CA ALA A 2 -6.58 -10.54 11.99
C ALA A 2 -6.88 -9.27 11.19
N ALA A 3 -6.57 -9.32 9.90
CA ALA A 3 -6.80 -8.18 9.03
C ALA A 3 -7.58 -8.61 7.78
N THR A 4 -8.15 -7.63 7.09
CA THR A 4 -8.92 -7.89 5.88
C THR A 4 -8.03 -7.93 4.64
N ASN A 5 -6.92 -8.64 4.75
CA ASN A 5 -5.95 -8.77 3.65
C ASN A 5 -5.33 -7.42 3.29
N PRO A 6 -4.12 -7.43 2.70
CA PRO A 6 -3.39 -6.21 2.31
C PRO A 6 -4.15 -5.36 1.30
N ALA A 7 -3.91 -5.60 0.02
CA ALA A 7 -4.54 -4.84 -1.06
C ALA A 7 -6.05 -4.74 -0.86
N ARG A 8 -6.66 -5.80 -0.35
CA ARG A 8 -8.09 -5.80 -0.11
C ARG A 8 -8.48 -4.67 0.83
N TYR A 9 -7.65 -4.47 1.86
CA TYR A 9 -7.88 -3.41 2.84
C TYR A 9 -7.36 -2.07 2.30
N CYS A 10 -6.40 -2.15 1.39
CA CYS A 10 -5.80 -0.98 0.79
C CYS A 10 -6.72 -0.35 -0.25
N CYS A 11 -7.72 -1.12 -0.67
CA CYS A 11 -8.67 -0.65 -1.67
C CYS A 11 -9.93 -0.08 -1.02
N LEU A 12 -10.60 -0.90 -0.23
CA LEU A 12 -11.82 -0.49 0.45
C LEU A 12 -11.63 0.80 1.23
N SER A 13 -11.10 0.68 2.45
CA SER A 13 -10.88 1.85 3.29
C SER A 13 -9.73 2.70 2.74
N GLY A 14 -8.58 2.07 2.54
CA GLY A 14 -7.42 2.79 2.03
C GLY A 14 -6.12 2.23 2.56
N CYS A 15 -5.02 2.87 2.19
CA CYS A 15 -3.69 2.45 2.62
C CYS A 15 -2.69 3.60 2.44
N THR A 16 -2.21 4.13 3.55
CA THR A 16 -1.26 5.23 3.53
C THR A 16 0.06 4.82 2.90
N GLN A 17 0.94 5.79 2.72
CA GLN A 17 2.26 5.54 2.13
C GLN A 17 3.10 4.63 3.01
N GLN A 18 2.95 4.79 4.32
CA GLN A 18 3.71 3.98 5.28
C GLN A 18 3.19 2.55 5.34
N ASP A 19 1.86 2.39 5.30
CA ASP A 19 1.27 1.06 5.34
C ASP A 19 1.59 0.31 4.06
N LEU A 20 1.91 1.10 3.03
CA LEU A 20 2.29 0.61 1.75
C LEU A 20 3.76 0.25 1.78
N LEU A 21 4.48 1.12 2.46
CA LEU A 21 5.91 0.97 2.66
C LEU A 21 6.25 -0.35 3.35
N THR A 22 5.44 -0.70 4.34
CA THR A 22 5.66 -1.92 5.12
C THR A 22 5.04 -3.16 4.48
N LEU A 23 4.20 -2.97 3.46
CA LEU A 23 3.56 -4.11 2.81
C LEU A 23 4.47 -4.75 1.76
N CYS A 24 5.41 -3.95 1.24
CA CYS A 24 6.36 -4.44 0.23
C CYS A 24 6.77 -5.91 0.46
N PRO A 25 7.24 -6.27 1.68
CA PRO A 25 7.67 -7.63 2.00
C PRO A 25 6.73 -8.73 1.50
N TYR A 26 5.43 -8.43 1.39
CA TYR A 26 4.46 -9.42 0.94
C TYR A 26 4.84 -9.99 -0.42
N GLY A 27 5.26 -9.13 -1.34
CA GLY A 27 5.63 -9.59 -2.68
C GLY A 27 6.75 -8.75 -3.29
N PRO B 1 2.68 10.44 12.12
CA PRO B 1 2.25 9.28 11.28
C PRO B 1 0.81 8.89 11.57
N THR B 2 0.11 9.75 12.29
CA THR B 2 -1.29 9.49 12.65
C THR B 2 -2.26 9.99 11.57
N PRO B 3 -2.05 11.19 11.05
CA PRO B 3 -2.89 11.80 10.03
C PRO B 3 -2.42 11.50 8.62
N GLU B 4 -2.05 10.24 8.38
CA GLU B 4 -1.58 9.82 7.06
C GLU B 4 -2.76 9.58 6.12
N MET B 5 -2.62 10.05 4.88
CA MET B 5 -3.68 9.89 3.88
C MET B 5 -3.71 8.47 3.31
N ARG B 6 -4.85 7.79 3.51
CA ARG B 6 -5.02 6.43 3.02
C ARG B 6 -5.48 6.41 1.56
N GLU B 7 -4.64 5.89 0.67
CA GLU B 7 -5.01 5.77 -0.73
C GLU B 7 -5.74 4.46 -0.96
N LYS B 8 -6.79 4.49 -1.77
CA LYS B 8 -7.56 3.31 -2.06
C LYS B 8 -6.86 2.39 -3.05
N LEU B 9 -5.60 2.09 -2.73
CA LEU B 9 -4.77 1.21 -3.55
C LEU B 9 -5.44 -0.15 -3.71
N CYS B 10 -5.93 -0.43 -4.91
CA CYS B 10 -6.63 -1.68 -5.18
C CYS B 10 -5.72 -2.72 -5.83
N GLY B 11 -5.45 -2.56 -7.12
CA GLY B 11 -4.60 -3.50 -7.83
C GLY B 11 -3.35 -2.84 -8.36
N HIS B 12 -3.38 -2.44 -9.63
CA HIS B 12 -2.23 -1.79 -10.23
C HIS B 12 -1.94 -0.48 -9.50
N HIS B 13 -2.91 -0.02 -8.71
CA HIS B 13 -2.75 1.20 -7.93
C HIS B 13 -1.81 0.96 -6.75
N PHE B 14 -1.99 -0.18 -6.08
CA PHE B 14 -1.14 -0.52 -4.96
C PHE B 14 0.25 -0.89 -5.45
N VAL B 15 0.32 -1.71 -6.50
CA VAL B 15 1.60 -2.12 -7.07
C VAL B 15 2.42 -0.90 -7.47
N ARG B 16 1.73 0.13 -7.95
CA ARG B 16 2.38 1.37 -8.35
C ARG B 16 2.86 2.11 -7.12
N ALA B 17 1.93 2.43 -6.24
CA ALA B 17 2.24 3.10 -5.00
C ALA B 17 3.34 2.33 -4.29
N LEU B 18 3.43 1.05 -4.64
CA LEU B 18 4.42 0.14 -4.08
C LEU B 18 5.78 0.36 -4.71
N VAL B 19 5.82 0.33 -6.04
CA VAL B 19 7.06 0.54 -6.77
C VAL B 19 7.65 1.89 -6.43
N ARG B 20 6.84 2.74 -5.80
CA ARG B 20 7.27 4.08 -5.40
C ARG B 20 7.94 4.04 -4.02
N VAL B 21 7.15 3.67 -3.01
CA VAL B 21 7.64 3.59 -1.64
C VAL B 21 7.58 2.16 -1.13
N CYS B 22 8.63 1.41 -1.45
CA CYS B 22 8.76 0.01 -1.03
C CYS B 22 9.93 -0.66 -1.76
N GLY B 23 9.97 -0.50 -3.09
CA GLY B 23 11.04 -1.09 -3.86
C GLY B 23 11.03 -2.61 -3.84
N GLY B 24 10.76 -3.23 -4.99
CA GLY B 24 10.71 -4.68 -5.06
C GLY B 24 11.22 -5.21 -6.39
N PRO B 25 11.73 -6.46 -6.41
CA PRO B 25 12.27 -7.09 -7.63
C PRO B 25 11.18 -7.72 -8.49
N LYS B 26 9.92 -7.44 -8.17
CA LYS B 26 8.80 -7.98 -8.94
C LYS B 26 8.25 -6.94 -9.90
N TRP B 27 7.52 -5.97 -9.35
CA TRP B 27 6.93 -4.90 -10.14
C TRP B 27 7.99 -4.11 -10.89
#